data_2J9X
#
_entry.id   2J9X
#
_cell.length_a   183.212
_cell.length_b   59.621
_cell.length_c   67.389
_cell.angle_alpha   90.00
_cell.angle_beta   94.63
_cell.angle_gamma   90.00
#
_symmetry.space_group_name_H-M   'C 1 2 1'
#
loop_
_entity.id
_entity.type
_entity.pdbx_description
1 polymer 'TRYPTOPHAN SYNTHASE ALPHA CHAIN'
2 polymer 'TRYPTOPHAN SYNTHASE BETA CHAIN'
3 non-polymer SN-GLYCEROL-3-PHOSPHATE
4 non-polymer '2-[({3-HYDROXY-2-METHYL-5-[(PHOSPHONOOXY)METHYL]PYRIDIN-4-YL}METHYL)AMINO]ACRYLIC ACID'
5 non-polymer 'CESIUM ION'
6 non-polymer 'DIMETHYL SULFOXIDE'
7 water water
#
loop_
_entity_poly.entity_id
_entity_poly.type
_entity_poly.pdbx_seq_one_letter_code
_entity_poly.pdbx_strand_id
1 'polypeptide(L)'
;MERYENLFAQLNDRREGAFVPFVTLGDPGIEQSLKIIDTLIDAGADALELGVPFSDPLADGPTIQNANLRAFAAGVTPAQ
CFEMLALIREKHPTIPIGLLMYANLVFNNGIDAFYARCEQVGVDSVLVADVPVEESAPFRQAALRHNIAPIFICPPNADD
DLLRQVASYGRGYTYLLSRSGVTGAENRGALPLHHLIEKLKEYHAAPALQGFGISSPEQVSAAVRAGAAGAISGSAIVKI
IEKNLASPKQMLAELRSFVSAMKAASRA
;
A
2 'polypeptide(L)'
;TTLLNPYFGEFGGMYVPQILMPALNQLEEAFVSAQKDPEFQAQFADLLKNYAGRPTALTKCQNITAGTRTTLYLKREDLL
HGGAHKTNQVLGQALLAKRMGKSEIIAETGAGQHGVASALASALLGLKCRIYMGAKDVERQSPNVFRMRLMGAEVIPVHS
GSATLKDACNEALRDWSGSYETAHYMLGTAAGPHPYPTIVREFQRMIGEETKAQILDKEGRLPDAVIACVGGGSNAIGMF
ADFINDTSVGLIGVEPGGHGIETGEHGAPLKHGRVGIYFGMKAPMMQTADGQIEESYSISAGLDFPSVGPQHAYLNSIGR
ADYVSITDDEALEAFKTLCRHEGIIPALESSHALAHALKMMREQPEKEQLLVVNLSGRGDKDIFTVHDILKARGEI
;
B
#
# COMPACT_ATOMS: atom_id res chain seq x y z
N GLU A 2 -5.82 11.67 -33.92
CA GLU A 2 -5.40 12.75 -32.97
C GLU A 2 -6.59 13.43 -32.32
N ARG A 3 -7.38 12.66 -31.57
CA ARG A 3 -8.57 13.16 -30.90
C ARG A 3 -8.38 14.33 -29.92
N TYR A 4 -7.32 14.29 -29.12
CA TYR A 4 -7.08 15.36 -28.15
C TYR A 4 -6.62 16.64 -28.86
N GLU A 5 -5.72 16.47 -29.83
CA GLU A 5 -5.21 17.61 -30.59
C GLU A 5 -6.34 18.32 -31.31
N ASN A 6 -7.24 17.55 -31.90
CA ASN A 6 -8.36 18.13 -32.62
C ASN A 6 -9.36 18.82 -31.69
N LEU A 7 -9.54 18.26 -30.50
CA LEU A 7 -10.48 18.85 -29.54
C LEU A 7 -9.99 20.20 -29.05
N PHE A 8 -8.75 20.24 -28.53
CA PHE A 8 -8.20 21.48 -28.01
C PHE A 8 -8.06 22.54 -29.10
N ALA A 9 -7.86 22.11 -30.34
CA ALA A 9 -7.75 23.05 -31.46
C ALA A 9 -9.12 23.70 -31.67
N GLN A 10 -10.15 22.86 -31.75
CA GLN A 10 -11.52 23.32 -31.94
C GLN A 10 -11.94 24.20 -30.76
N LEU A 11 -11.68 23.71 -29.55
CA LEU A 11 -12.04 24.45 -28.34
C LEU A 11 -11.37 25.82 -28.30
N ASN A 12 -10.09 25.85 -28.69
CA ASN A 12 -9.33 27.08 -28.71
C ASN A 12 -10.00 28.09 -29.63
N ASP A 13 -10.42 27.64 -30.82
CA ASP A 13 -11.07 28.53 -31.76
C ASP A 13 -12.36 29.09 -31.16
N ARG A 14 -13.18 28.22 -30.59
CA ARG A 14 -14.44 28.63 -29.97
C ARG A 14 -14.18 29.33 -28.65
N ARG A 15 -12.89 29.53 -28.35
CA ARG A 15 -12.45 30.21 -27.14
C ARG A 15 -13.05 29.67 -25.84
N GLU A 16 -13.23 28.35 -25.77
CA GLU A 16 -13.80 27.75 -24.57
C GLU A 16 -12.90 26.68 -23.98
N GLY A 17 -13.12 26.37 -22.71
CA GLY A 17 -12.35 25.35 -22.05
C GLY A 17 -13.07 24.04 -22.22
N ALA A 18 -12.45 22.94 -21.81
CA ALA A 18 -13.09 21.64 -21.94
C ALA A 18 -13.63 21.13 -20.63
N PHE A 19 -14.77 20.45 -20.68
CA PHE A 19 -15.33 19.84 -19.49
C PHE A 19 -15.20 18.34 -19.69
N VAL A 20 -14.49 17.69 -18.78
CA VAL A 20 -14.30 16.26 -18.90
C VAL A 20 -14.83 15.51 -17.68
N PRO A 21 -16.01 14.89 -17.80
CA PRO A 21 -16.57 14.16 -16.67
C PRO A 21 -15.88 12.82 -16.45
N PHE A 22 -15.92 12.32 -15.22
CA PHE A 22 -15.33 11.02 -14.88
C PHE A 22 -16.34 10.13 -14.21
N VAL A 23 -16.32 8.86 -14.58
CA VAL A 23 -17.21 7.86 -14.01
C VAL A 23 -16.45 6.55 -14.04
N THR A 24 -16.84 5.63 -13.17
CA THR A 24 -16.22 4.31 -13.14
C THR A 24 -17.06 3.42 -14.04
N LEU A 25 -16.40 2.78 -15.00
CA LEU A 25 -17.09 1.89 -15.93
C LEU A 25 -17.75 0.73 -15.22
N GLY A 26 -19.04 0.53 -15.48
CA GLY A 26 -19.76 -0.56 -14.86
C GLY A 26 -20.54 -0.17 -13.62
N ASP A 27 -20.55 1.12 -13.29
CA ASP A 27 -21.29 1.60 -12.12
C ASP A 27 -22.54 2.37 -12.55
N PRO A 28 -23.74 1.96 -12.07
CA PRO A 28 -23.98 0.84 -11.16
C PRO A 28 -24.03 -0.52 -11.86
N GLY A 29 -23.98 -0.49 -13.19
CA GLY A 29 -24.04 -1.71 -13.95
C GLY A 29 -23.55 -1.42 -15.37
N ILE A 30 -23.35 -2.47 -16.16
CA ILE A 30 -22.89 -2.27 -17.52
C ILE A 30 -23.84 -1.44 -18.38
N GLU A 31 -25.09 -1.87 -18.46
CA GLU A 31 -26.11 -1.19 -19.26
C GLU A 31 -26.29 0.27 -18.79
N GLN A 32 -26.57 0.46 -17.50
CA GLN A 32 -26.79 1.79 -16.96
C GLN A 32 -25.56 2.68 -17.09
N SER A 33 -24.38 2.09 -16.98
CA SER A 33 -23.15 2.84 -17.09
C SER A 33 -23.00 3.39 -18.52
N LEU A 34 -23.38 2.57 -19.49
CA LEU A 34 -23.33 2.94 -20.89
C LEU A 34 -24.28 4.10 -21.18
N LYS A 35 -25.50 4.04 -20.61
CA LYS A 35 -26.47 5.12 -20.81
C LYS A 35 -25.92 6.37 -20.14
N ILE A 36 -25.41 6.23 -18.92
CA ILE A 36 -24.87 7.35 -18.18
C ILE A 36 -23.82 8.10 -19.00
N ILE A 37 -22.97 7.34 -19.68
CA ILE A 37 -21.91 7.93 -20.50
C ILE A 37 -22.43 8.61 -21.77
N ASP A 38 -23.48 8.06 -22.37
CA ASP A 38 -24.06 8.67 -23.57
C ASP A 38 -24.69 9.99 -23.16
N THR A 39 -25.30 10.02 -21.98
CA THR A 39 -25.95 11.22 -21.47
C THR A 39 -24.91 12.30 -21.18
N LEU A 40 -23.77 11.87 -20.65
CA LEU A 40 -22.68 12.79 -20.35
C LEU A 40 -22.20 13.45 -21.63
N ILE A 41 -22.14 12.66 -22.70
CA ILE A 41 -21.70 13.15 -23.99
C ILE A 41 -22.77 14.04 -24.64
N ASP A 42 -24.03 13.62 -24.57
CA ASP A 42 -25.13 14.38 -25.14
C ASP A 42 -25.31 15.69 -24.37
N ALA A 43 -25.03 15.64 -23.07
CA ALA A 43 -25.16 16.81 -22.19
C ALA A 43 -24.06 17.84 -22.45
N GLY A 44 -22.98 17.43 -23.12
CA GLY A 44 -21.94 18.38 -23.41
C GLY A 44 -20.49 18.05 -23.09
N ALA A 45 -20.20 16.79 -22.74
CA ALA A 45 -18.83 16.40 -22.42
C ALA A 45 -17.88 16.52 -23.60
N ASP A 46 -16.77 17.22 -23.39
CA ASP A 46 -15.79 17.40 -24.47
C ASP A 46 -14.88 16.20 -24.63
N ALA A 47 -14.70 15.45 -23.54
CA ALA A 47 -13.85 14.28 -23.54
C ALA A 47 -14.26 13.44 -22.35
N LEU A 48 -13.77 12.20 -22.31
CA LEU A 48 -14.11 11.32 -21.20
C LEU A 48 -12.88 10.86 -20.42
N GLU A 49 -13.10 10.64 -19.13
CA GLU A 49 -12.07 10.16 -18.22
C GLU A 49 -12.77 8.98 -17.57
N LEU A 50 -12.27 7.77 -17.81
CA LEU A 50 -12.93 6.60 -17.28
C LEU A 50 -12.07 5.71 -16.39
N GLY A 51 -12.68 5.19 -15.35
CA GLY A 51 -11.96 4.31 -14.46
C GLY A 51 -12.40 2.86 -14.59
N VAL A 52 -11.48 1.96 -14.27
CA VAL A 52 -11.76 0.53 -14.33
C VAL A 52 -11.74 0.04 -12.89
N PRO A 53 -12.84 -0.57 -12.43
CA PRO A 53 -12.88 -1.06 -11.05
C PRO A 53 -11.63 -1.79 -10.56
N PHE A 54 -11.07 -1.29 -9.47
CA PHE A 54 -9.89 -1.91 -8.89
C PHE A 54 -10.12 -2.16 -7.40
N SER A 55 -9.72 -3.34 -6.95
CA SER A 55 -9.90 -3.73 -5.55
C SER A 55 -9.40 -2.73 -4.52
N ASP A 56 -8.30 -2.06 -4.80
CA ASP A 56 -7.77 -1.11 -3.83
C ASP A 56 -7.37 0.23 -4.47
N PRO A 57 -8.37 1.10 -4.74
CA PRO A 57 -8.14 2.42 -5.34
C PRO A 57 -7.59 3.38 -4.31
N LEU A 58 -6.28 3.35 -4.12
CA LEU A 58 -5.66 4.19 -3.11
C LEU A 58 -5.61 5.69 -3.34
N ALA A 59 -5.99 6.15 -4.52
CA ALA A 59 -5.98 7.59 -4.78
C ALA A 59 -7.41 8.13 -4.75
N ASP A 60 -8.35 7.26 -4.41
CA ASP A 60 -9.76 7.61 -4.35
C ASP A 60 -10.36 7.68 -2.96
N GLY A 61 -11.28 8.63 -2.78
CA GLY A 61 -11.99 8.79 -1.53
C GLY A 61 -13.18 7.86 -1.54
N PRO A 62 -14.12 7.97 -0.59
CA PRO A 62 -15.32 7.16 -0.44
C PRO A 62 -16.23 7.07 -1.67
N THR A 63 -16.58 8.23 -2.23
CA THR A 63 -17.48 8.29 -3.38
C THR A 63 -17.10 7.31 -4.48
N ILE A 64 -15.88 7.42 -4.97
CA ILE A 64 -15.42 6.55 -6.04
C ILE A 64 -15.08 5.14 -5.55
N GLN A 65 -14.82 5.00 -4.25
CA GLN A 65 -14.54 3.70 -3.68
C GLN A 65 -15.83 2.90 -3.83
N ASN A 66 -16.93 3.53 -3.44
CA ASN A 66 -18.25 2.94 -3.49
C ASN A 66 -18.65 2.68 -4.96
N ALA A 67 -18.19 3.55 -5.86
CA ALA A 67 -18.51 3.39 -7.27
C ALA A 67 -17.92 2.06 -7.71
N ASN A 68 -16.70 1.80 -7.24
CA ASN A 68 -15.98 0.57 -7.56
C ASN A 68 -16.66 -0.63 -6.93
N LEU A 69 -17.14 -0.46 -5.71
CA LEU A 69 -17.83 -1.55 -5.02
C LEU A 69 -19.08 -1.92 -5.78
N ARG A 70 -19.84 -0.91 -6.20
CA ARG A 70 -21.07 -1.12 -6.95
C ARG A 70 -20.77 -1.90 -8.24
N ALA A 71 -19.75 -1.47 -8.97
CA ALA A 71 -19.37 -2.13 -10.21
C ALA A 71 -19.01 -3.59 -9.92
N PHE A 72 -18.41 -3.84 -8.77
CA PHE A 72 -18.04 -5.19 -8.40
C PHE A 72 -19.24 -6.02 -8.01
N ALA A 73 -20.23 -5.39 -7.40
CA ALA A 73 -21.45 -6.08 -7.00
C ALA A 73 -22.11 -6.55 -8.30
N ALA A 74 -22.02 -5.74 -9.34
CA ALA A 74 -22.62 -6.06 -10.64
C ALA A 74 -21.67 -6.97 -11.45
N GLY A 75 -20.67 -7.52 -10.77
CA GLY A 75 -19.72 -8.42 -11.38
C GLY A 75 -18.85 -7.83 -12.49
N VAL A 76 -18.74 -6.50 -12.51
CA VAL A 76 -17.97 -5.83 -13.55
C VAL A 76 -16.48 -6.18 -13.50
N THR A 77 -15.97 -6.69 -14.62
CA THR A 77 -14.57 -7.06 -14.71
C THR A 77 -13.85 -6.14 -15.68
N PRO A 78 -12.51 -6.19 -15.71
CA PRO A 78 -11.76 -5.34 -16.63
C PRO A 78 -12.06 -5.70 -18.08
N ALA A 79 -12.31 -6.98 -18.33
CA ALA A 79 -12.60 -7.45 -19.67
C ALA A 79 -13.89 -6.81 -20.18
N GLN A 80 -14.89 -6.77 -19.30
CA GLN A 80 -16.19 -6.19 -19.64
C GLN A 80 -16.03 -4.67 -19.85
N CYS A 81 -15.09 -4.06 -19.12
CA CYS A 81 -14.80 -2.61 -19.24
C CYS A 81 -14.27 -2.31 -20.64
N PHE A 82 -13.48 -3.25 -21.17
CA PHE A 82 -12.93 -3.06 -22.51
C PHE A 82 -13.93 -3.30 -23.61
N GLU A 83 -14.95 -4.09 -23.31
CA GLU A 83 -16.02 -4.36 -24.26
C GLU A 83 -16.87 -3.09 -24.31
N MET A 84 -17.03 -2.46 -23.15
CA MET A 84 -17.81 -1.23 -23.03
C MET A 84 -17.12 -0.10 -23.79
N LEU A 85 -15.81 -0.01 -23.63
CA LEU A 85 -15.03 1.02 -24.30
C LEU A 85 -15.15 0.87 -25.82
N ALA A 86 -15.24 -0.38 -26.28
CA ALA A 86 -15.38 -0.65 -27.70
C ALA A 86 -16.71 -0.11 -28.19
N LEU A 87 -17.76 -0.36 -27.41
CA LEU A 87 -19.10 0.09 -27.75
C LEU A 87 -19.15 1.62 -27.73
N ILE A 88 -18.57 2.22 -26.70
CA ILE A 88 -18.59 3.67 -26.57
C ILE A 88 -17.89 4.33 -27.75
N ARG A 89 -16.78 3.76 -28.17
CA ARG A 89 -16.03 4.31 -29.30
C ARG A 89 -16.75 4.08 -30.62
N GLU A 90 -17.56 3.03 -30.66
CA GLU A 90 -18.31 2.70 -31.87
C GLU A 90 -19.47 3.67 -32.11
N LYS A 91 -19.92 4.32 -31.03
CA LYS A 91 -21.02 5.27 -31.06
C LYS A 91 -20.52 6.72 -31.15
N HIS A 92 -19.32 6.95 -30.63
CA HIS A 92 -18.73 8.30 -30.63
C HIS A 92 -17.31 8.20 -31.21
N PRO A 93 -17.17 8.35 -32.54
CA PRO A 93 -15.87 8.28 -33.21
C PRO A 93 -14.84 9.37 -32.94
N THR A 94 -15.28 10.55 -32.51
CA THR A 94 -14.33 11.64 -32.29
C THR A 94 -14.03 12.07 -30.86
N ILE A 95 -14.89 11.71 -29.91
CA ILE A 95 -14.64 12.13 -28.52
C ILE A 95 -13.36 11.51 -27.97
N PRO A 96 -12.53 12.33 -27.30
CA PRO A 96 -11.29 11.75 -26.77
C PRO A 96 -11.61 10.93 -25.53
N ILE A 97 -11.06 9.73 -25.46
CA ILE A 97 -11.31 8.86 -24.32
C ILE A 97 -10.02 8.60 -23.53
N GLY A 98 -10.05 8.95 -22.25
CA GLY A 98 -8.89 8.75 -21.40
C GLY A 98 -9.23 7.80 -20.26
N LEU A 99 -8.32 6.90 -19.95
CA LEU A 99 -8.55 5.95 -18.87
C LEU A 99 -7.73 6.34 -17.65
N LEU A 100 -8.30 6.16 -16.47
CA LEU A 100 -7.58 6.44 -15.23
C LEU A 100 -7.41 5.06 -14.61
N MET A 101 -6.20 4.54 -14.64
CA MET A 101 -5.93 3.18 -14.14
C MET A 101 -5.02 3.07 -12.94
N TYR A 102 -5.09 1.90 -12.34
CA TYR A 102 -4.22 1.57 -11.23
C TYR A 102 -3.20 0.62 -11.85
N ALA A 103 -1.95 0.80 -11.45
CA ALA A 103 -0.86 0.00 -11.99
C ALA A 103 -1.04 -1.51 -12.13
N ASN A 104 -1.54 -2.19 -11.10
CA ASN A 104 -1.65 -3.63 -11.20
C ASN A 104 -2.51 -4.11 -12.37
N LEU A 105 -3.59 -3.40 -12.65
CA LEU A 105 -4.46 -3.78 -13.75
C LEU A 105 -3.75 -3.66 -15.08
N VAL A 106 -2.82 -2.70 -15.18
CA VAL A 106 -2.07 -2.48 -16.40
C VAL A 106 -0.95 -3.50 -16.52
N PHE A 107 -0.30 -3.76 -15.39
CA PHE A 107 0.83 -4.69 -15.31
C PHE A 107 0.42 -6.16 -15.34
N ASN A 108 -0.75 -6.46 -14.80
CA ASN A 108 -1.26 -7.82 -14.70
C ASN A 108 -0.99 -8.82 -15.83
N ASN A 109 -1.55 -8.58 -17.02
CA ASN A 109 -1.36 -9.49 -18.15
C ASN A 109 -0.27 -8.99 -19.09
N GLY A 110 0.52 -8.05 -18.61
CA GLY A 110 1.59 -7.49 -19.42
C GLY A 110 1.28 -6.07 -19.83
N ILE A 111 2.18 -5.16 -19.51
CA ILE A 111 2.02 -3.75 -19.83
C ILE A 111 1.78 -3.50 -21.31
N ASP A 112 2.59 -4.11 -22.18
CA ASP A 112 2.40 -3.91 -23.61
C ASP A 112 1.05 -4.43 -24.05
N ALA A 113 0.67 -5.61 -23.57
CA ALA A 113 -0.62 -6.17 -23.95
C ALA A 113 -1.76 -5.24 -23.56
N PHE A 114 -1.61 -4.57 -22.41
CA PHE A 114 -2.66 -3.66 -21.96
C PHE A 114 -2.87 -2.48 -22.91
N TYR A 115 -1.78 -1.84 -23.29
CA TYR A 115 -1.86 -0.70 -24.19
C TYR A 115 -2.25 -1.14 -25.61
N ALA A 116 -1.95 -2.38 -25.94
CA ALA A 116 -2.29 -2.92 -27.26
C ALA A 116 -3.81 -3.04 -27.30
N ARG A 117 -4.39 -3.45 -26.17
CA ARG A 117 -5.83 -3.60 -26.06
C ARG A 117 -6.47 -2.20 -26.06
N CYS A 118 -5.83 -1.23 -25.41
CA CYS A 118 -6.38 0.13 -25.38
C CYS A 118 -6.48 0.65 -26.81
N GLU A 119 -5.42 0.42 -27.58
CA GLU A 119 -5.39 0.87 -28.97
C GLU A 119 -6.47 0.17 -29.79
N GLN A 120 -6.66 -1.12 -29.53
CA GLN A 120 -7.65 -1.91 -30.26
C GLN A 120 -9.08 -1.45 -30.06
N VAL A 121 -9.41 -0.98 -28.86
CA VAL A 121 -10.78 -0.54 -28.57
C VAL A 121 -11.01 0.96 -28.84
N GLY A 122 -9.94 1.67 -29.19
CA GLY A 122 -10.07 3.08 -29.49
C GLY A 122 -9.73 4.08 -28.40
N VAL A 123 -9.04 3.64 -27.35
CA VAL A 123 -8.69 4.54 -26.26
C VAL A 123 -7.60 5.53 -26.69
N ASP A 124 -7.70 6.77 -26.20
CA ASP A 124 -6.75 7.79 -26.57
C ASP A 124 -5.61 8.05 -25.60
N SER A 125 -5.88 7.90 -24.31
CA SER A 125 -4.82 8.14 -23.34
C SER A 125 -4.99 7.27 -22.12
N VAL A 126 -3.93 7.20 -21.33
CA VAL A 126 -3.98 6.42 -20.11
C VAL A 126 -3.21 7.11 -19.01
N LEU A 127 -3.86 7.24 -17.86
CA LEU A 127 -3.25 7.83 -16.68
C LEU A 127 -3.20 6.72 -15.66
N VAL A 128 -2.01 6.39 -15.17
CA VAL A 128 -1.90 5.36 -14.15
C VAL A 128 -1.64 6.09 -12.85
N ALA A 129 -2.68 6.16 -12.03
CA ALA A 129 -2.65 6.87 -10.76
C ALA A 129 -1.51 6.58 -9.80
N ASP A 130 -1.06 5.33 -9.71
CA ASP A 130 0.01 5.05 -8.76
C ASP A 130 1.36 4.78 -9.37
N VAL A 131 1.58 5.41 -10.53
CA VAL A 131 2.86 5.30 -11.23
C VAL A 131 3.38 6.71 -11.46
N PRO A 132 4.32 7.15 -10.62
CA PRO A 132 4.87 8.49 -10.78
C PRO A 132 5.81 8.51 -11.99
N VAL A 133 6.26 9.69 -12.41
CA VAL A 133 7.14 9.78 -13.56
C VAL A 133 8.35 8.89 -13.31
N GLU A 134 8.76 8.82 -12.05
CA GLU A 134 9.92 8.04 -11.65
C GLU A 134 9.81 6.54 -12.01
N GLU A 135 8.59 5.99 -12.06
CA GLU A 135 8.39 4.57 -12.40
C GLU A 135 7.70 4.41 -13.75
N SER A 136 7.53 5.51 -14.48
CA SER A 136 6.81 5.49 -15.74
C SER A 136 7.41 4.93 -17.03
N ALA A 137 8.74 4.80 -17.11
CA ALA A 137 9.39 4.31 -18.33
C ALA A 137 8.65 3.21 -19.13
N PRO A 138 8.49 2.01 -18.56
CA PRO A 138 7.80 0.93 -19.29
C PRO A 138 6.36 1.24 -19.70
N PHE A 139 5.68 2.06 -18.91
CA PHE A 139 4.31 2.41 -19.23
C PHE A 139 4.23 3.45 -20.35
N ARG A 140 4.99 4.52 -20.22
CA ARG A 140 4.98 5.56 -21.25
C ARG A 140 5.46 5.01 -22.59
N GLN A 141 6.44 4.12 -22.54
CA GLN A 141 6.99 3.52 -23.75
C GLN A 141 5.98 2.62 -24.46
N ALA A 142 5.27 1.81 -23.67
CA ALA A 142 4.27 0.91 -24.22
C ALA A 142 3.14 1.71 -24.84
N ALA A 143 2.75 2.78 -24.15
CA ALA A 143 1.68 3.65 -24.61
C ALA A 143 2.00 4.23 -25.99
N LEU A 144 3.16 4.88 -26.08
CA LEU A 144 3.56 5.49 -27.34
C LEU A 144 3.66 4.47 -28.46
N ARG A 145 4.12 3.26 -28.16
CA ARG A 145 4.23 2.23 -29.19
C ARG A 145 2.86 1.85 -29.73
N HIS A 146 1.83 2.06 -28.92
CA HIS A 146 0.49 1.72 -29.37
C HIS A 146 -0.39 2.94 -29.61
N ASN A 147 0.26 4.06 -29.90
CA ASN A 147 -0.43 5.32 -30.18
C ASN A 147 -1.39 5.76 -29.08
N ILE A 148 -1.01 5.49 -27.84
CA ILE A 148 -1.81 5.88 -26.69
C ILE A 148 -1.06 7.01 -26.00
N ALA A 149 -1.75 8.07 -25.64
CA ALA A 149 -1.09 9.18 -24.97
C ALA A 149 -0.87 8.89 -23.49
N PRO A 150 0.39 8.93 -23.03
CA PRO A 150 0.63 8.67 -21.61
C PRO A 150 0.37 9.96 -20.82
N ILE A 151 -0.54 9.89 -19.86
CA ILE A 151 -0.90 11.05 -19.06
C ILE A 151 -0.15 11.19 -17.74
N PHE A 152 0.39 12.38 -17.50
CA PHE A 152 1.14 12.63 -16.28
C PHE A 152 0.50 13.70 -15.42
N ILE A 153 0.62 13.52 -14.10
CA ILE A 153 0.06 14.47 -13.16
C ILE A 153 1.06 15.55 -12.75
N CYS A 154 0.57 16.78 -12.70
CA CYS A 154 1.37 17.93 -12.28
C CYS A 154 0.78 18.30 -10.93
N PRO A 155 1.42 17.86 -9.83
CA PRO A 155 0.91 18.19 -8.51
C PRO A 155 1.17 19.63 -8.11
N PRO A 156 0.39 20.15 -7.17
CA PRO A 156 0.58 21.54 -6.73
C PRO A 156 1.93 21.77 -6.05
N ASN A 157 2.60 20.69 -5.65
CA ASN A 157 3.90 20.83 -5.00
C ASN A 157 5.01 20.45 -5.97
N ALA A 158 4.73 20.61 -7.26
CA ALA A 158 5.71 20.28 -8.30
C ALA A 158 6.85 21.27 -8.40
N ASP A 159 8.07 20.78 -8.55
CA ASP A 159 9.23 21.64 -8.69
C ASP A 159 9.56 21.75 -10.18
N ASP A 160 10.54 22.56 -10.53
CA ASP A 160 10.90 22.74 -11.94
C ASP A 160 11.29 21.48 -12.70
N ASP A 161 12.08 20.61 -12.07
CA ASP A 161 12.50 19.38 -12.74
C ASP A 161 11.29 18.54 -13.17
N LEU A 162 10.30 18.48 -12.30
CA LEU A 162 9.09 17.72 -12.59
C LEU A 162 8.28 18.38 -13.70
N LEU A 163 8.17 19.71 -13.64
CA LEU A 163 7.43 20.43 -14.68
C LEU A 163 7.99 20.03 -16.04
N ARG A 164 9.32 20.07 -16.16
CA ARG A 164 10.00 19.74 -17.39
C ARG A 164 9.79 18.29 -17.83
N GLN A 165 9.90 17.36 -16.89
CA GLN A 165 9.71 15.95 -17.20
C GLN A 165 8.29 15.72 -17.74
N VAL A 166 7.31 16.21 -17.00
CA VAL A 166 5.90 16.07 -17.39
C VAL A 166 5.66 16.69 -18.76
N ALA A 167 6.29 17.83 -19.02
CA ALA A 167 6.14 18.53 -20.29
C ALA A 167 6.58 17.71 -21.50
N SER A 168 7.75 17.06 -21.40
CA SER A 168 8.28 16.26 -22.50
C SER A 168 7.73 14.84 -22.61
N TYR A 169 7.43 14.21 -21.48
CA TYR A 169 6.91 12.84 -21.50
C TYR A 169 5.42 12.76 -21.83
N GLY A 170 4.65 13.73 -21.36
CA GLY A 170 3.23 13.71 -21.60
C GLY A 170 2.73 13.95 -23.01
N ARG A 171 1.54 13.44 -23.29
CA ARG A 171 0.87 13.59 -24.57
C ARG A 171 -0.61 13.74 -24.26
N GLY A 172 -1.36 14.29 -25.22
CA GLY A 172 -2.79 14.48 -25.03
C GLY A 172 -3.14 15.67 -24.15
N TYR A 173 -2.96 15.51 -22.84
CA TYR A 173 -3.25 16.56 -21.89
C TYR A 173 -2.43 16.33 -20.62
N THR A 174 -2.28 17.37 -19.81
CA THR A 174 -1.54 17.29 -18.55
C THR A 174 -2.56 17.34 -17.42
N TYR A 175 -2.52 16.36 -16.52
CA TYR A 175 -3.45 16.33 -15.41
C TYR A 175 -2.92 17.25 -14.31
N LEU A 176 -3.55 18.40 -14.15
CA LEU A 176 -3.16 19.38 -13.15
C LEU A 176 -3.95 19.14 -11.86
N LEU A 177 -3.28 18.64 -10.82
CA LEU A 177 -3.95 18.36 -9.54
C LEU A 177 -4.39 19.65 -8.87
N SER A 178 -5.62 19.66 -8.35
CA SER A 178 -6.16 20.84 -7.68
C SER A 178 -5.64 20.93 -6.27
N ARG A 179 -5.41 19.76 -5.65
CA ARG A 179 -4.96 19.71 -4.27
C ARG A 179 -4.31 18.37 -3.95
N SER A 180 -3.83 18.25 -2.72
CA SER A 180 -3.24 17.01 -2.23
C SER A 180 -4.45 16.18 -1.82
N GLY A 181 -4.21 14.96 -1.35
CA GLY A 181 -5.32 14.12 -0.93
C GLY A 181 -5.82 13.16 -2.00
N VAL A 182 -7.00 12.60 -1.75
CA VAL A 182 -7.61 11.66 -2.66
C VAL A 182 -8.83 12.31 -3.29
N THR A 183 -9.38 11.65 -4.30
CA THR A 183 -10.56 12.15 -5.00
C THR A 183 -11.68 12.39 -3.98
N GLY A 184 -12.48 13.43 -4.25
CA GLY A 184 -13.57 13.76 -3.36
C GLY A 184 -14.15 15.11 -3.73
N ALA A 185 -15.46 15.16 -3.95
CA ALA A 185 -16.15 16.39 -4.34
C ALA A 185 -16.24 17.39 -3.20
N GLU A 186 -16.42 16.90 -1.98
CA GLU A 186 -16.55 17.78 -0.81
C GLU A 186 -15.29 18.56 -0.51
N ASN A 187 -14.14 18.05 -0.94
CA ASN A 187 -12.86 18.71 -0.71
C ASN A 187 -12.49 19.59 -1.90
N ARG A 188 -12.66 20.89 -1.76
CA ARG A 188 -12.36 21.81 -2.85
C ARG A 188 -10.98 22.46 -2.69
N GLY A 189 -10.16 22.31 -3.73
CA GLY A 189 -8.83 22.88 -3.70
C GLY A 189 -8.82 24.39 -3.57
N LEU A 193 -2.83 28.29 -8.77
CA LEU A 193 -2.30 27.35 -9.74
C LEU A 193 -1.88 28.04 -11.03
N HIS A 194 -2.13 29.34 -11.11
CA HIS A 194 -1.80 30.10 -12.30
C HIS A 194 -0.32 29.97 -12.70
N HIS A 195 0.57 30.02 -11.72
CA HIS A 195 2.00 29.90 -11.97
C HIS A 195 2.34 28.57 -12.64
N LEU A 196 1.88 27.47 -12.06
CA LEU A 196 2.15 26.15 -12.60
C LEU A 196 1.63 26.05 -14.03
N ILE A 197 0.42 26.56 -14.25
CA ILE A 197 -0.20 26.56 -15.58
C ILE A 197 0.67 27.28 -16.60
N GLU A 198 1.31 28.35 -16.16
CA GLU A 198 2.18 29.15 -17.03
C GLU A 198 3.46 28.39 -17.37
N LYS A 199 4.07 27.78 -16.37
CA LYS A 199 5.31 27.04 -16.56
C LYS A 199 5.14 25.89 -17.56
N LEU A 200 4.01 25.20 -17.47
CA LEU A 200 3.73 24.09 -18.37
C LEU A 200 3.67 24.57 -19.81
N LYS A 201 2.98 25.69 -20.02
CA LYS A 201 2.86 26.25 -21.36
C LYS A 201 4.25 26.69 -21.83
N GLU A 202 5.08 27.17 -20.91
CA GLU A 202 6.42 27.60 -21.27
C GLU A 202 7.22 26.41 -21.81
N TYR A 203 7.11 25.27 -21.13
CA TYR A 203 7.84 24.07 -21.53
C TYR A 203 7.09 23.25 -22.59
N HIS A 204 6.05 23.82 -23.18
CA HIS A 204 5.28 23.16 -24.21
C HIS A 204 4.69 21.82 -23.77
N ALA A 205 4.09 21.80 -22.60
CA ALA A 205 3.49 20.58 -22.09
C ALA A 205 2.09 20.45 -22.73
N ALA A 206 1.60 19.23 -22.84
CA ALA A 206 0.28 19.03 -23.42
C ALA A 206 -0.69 19.87 -22.60
N PRO A 207 -1.78 20.33 -23.23
CA PRO A 207 -2.80 21.15 -22.56
C PRO A 207 -3.17 20.61 -21.17
N ALA A 208 -3.39 21.52 -20.22
CA ALA A 208 -3.71 21.15 -18.85
C ALA A 208 -5.19 21.10 -18.48
N LEU A 209 -5.59 20.01 -17.83
CA LEU A 209 -6.96 19.82 -17.37
C LEU A 209 -6.86 19.72 -15.84
N GLN A 210 -7.64 20.53 -15.11
CA GLN A 210 -7.59 20.49 -13.65
C GLN A 210 -8.51 19.40 -13.08
N GLY A 211 -8.02 18.68 -12.08
CA GLY A 211 -8.82 17.63 -11.48
C GLY A 211 -8.67 17.46 -9.97
N PHE A 212 -9.71 16.91 -9.35
CA PHE A 212 -9.79 16.69 -7.90
C PHE A 212 -10.56 17.81 -7.24
N GLY A 213 -11.71 17.51 -6.66
CA GLY A 213 -12.47 18.55 -5.98
C GLY A 213 -13.33 19.45 -6.84
N ILE A 214 -13.21 19.36 -8.17
CA ILE A 214 -14.02 20.18 -9.07
C ILE A 214 -15.45 19.64 -9.05
N SER A 215 -16.38 20.34 -8.40
CA SER A 215 -17.77 19.88 -8.34
C SER A 215 -18.83 20.97 -8.57
N SER A 216 -18.40 22.14 -9.03
CA SER A 216 -19.34 23.24 -9.29
C SER A 216 -18.93 24.05 -10.52
N PRO A 217 -19.91 24.61 -11.24
CA PRO A 217 -19.63 25.41 -12.44
C PRO A 217 -18.61 26.51 -12.16
N GLU A 218 -18.71 27.12 -10.98
CA GLU A 218 -17.81 28.18 -10.59
C GLU A 218 -16.36 27.71 -10.66
N GLN A 219 -16.11 26.49 -10.19
CA GLN A 219 -14.78 25.92 -10.22
C GLN A 219 -14.28 25.69 -11.64
N VAL A 220 -15.21 25.38 -12.54
CA VAL A 220 -14.86 25.13 -13.93
C VAL A 220 -14.36 26.44 -14.57
N SER A 221 -15.16 27.50 -14.43
CA SER A 221 -14.84 28.82 -14.97
C SER A 221 -13.50 29.30 -14.42
N ALA A 222 -13.31 29.11 -13.12
CA ALA A 222 -12.09 29.52 -12.44
C ALA A 222 -10.86 28.87 -13.06
N ALA A 223 -10.93 27.56 -13.29
CA ALA A 223 -9.81 26.83 -13.88
C ALA A 223 -9.49 27.41 -15.27
N VAL A 224 -10.51 27.57 -16.10
CA VAL A 224 -10.30 28.11 -17.43
C VAL A 224 -9.74 29.53 -17.36
N ARG A 225 -10.32 30.35 -16.49
CA ARG A 225 -9.89 31.72 -16.32
C ARG A 225 -8.42 31.77 -15.94
N ALA A 226 -8.00 30.83 -15.09
CA ALA A 226 -6.63 30.77 -14.63
C ALA A 226 -5.65 30.33 -15.72
N GLY A 227 -6.17 29.86 -16.85
CA GLY A 227 -5.30 29.42 -17.93
C GLY A 227 -5.42 27.97 -18.33
N ALA A 228 -6.04 27.16 -17.47
CA ALA A 228 -6.22 25.74 -17.74
C ALA A 228 -7.09 25.52 -18.98
N ALA A 229 -6.75 24.53 -19.79
CA ALA A 229 -7.49 24.24 -20.99
C ALA A 229 -8.85 23.59 -20.69
N GLY A 230 -9.05 23.21 -19.43
CA GLY A 230 -10.31 22.58 -19.05
C GLY A 230 -10.27 21.98 -17.66
N ALA A 231 -11.36 21.34 -17.27
CA ALA A 231 -11.43 20.74 -15.94
C ALA A 231 -12.08 19.36 -15.98
N ILE A 232 -11.74 18.54 -14.99
CA ILE A 232 -12.27 17.19 -14.87
C ILE A 232 -13.06 17.10 -13.58
N SER A 233 -14.21 16.43 -13.64
CA SER A 233 -15.06 16.26 -12.48
C SER A 233 -15.48 14.79 -12.39
N GLY A 234 -15.15 14.17 -11.27
CA GLY A 234 -15.50 12.77 -11.10
C GLY A 234 -16.50 12.50 -9.98
N SER A 235 -16.06 12.71 -8.74
CA SER A 235 -16.90 12.47 -7.57
C SER A 235 -18.25 13.16 -7.60
N ALA A 236 -18.29 14.39 -8.09
CA ALA A 236 -19.54 15.14 -8.17
C ALA A 236 -20.53 14.39 -9.07
N ILE A 237 -20.01 13.85 -10.16
CA ILE A 237 -20.81 13.09 -11.11
C ILE A 237 -21.29 11.80 -10.46
N VAL A 238 -20.33 11.05 -9.91
CA VAL A 238 -20.59 9.78 -9.25
C VAL A 238 -21.59 9.89 -8.10
N LYS A 239 -21.59 11.03 -7.42
CA LYS A 239 -22.50 11.25 -6.30
C LYS A 239 -23.95 11.28 -6.76
N ILE A 240 -24.18 11.78 -7.97
CA ILE A 240 -25.52 11.87 -8.53
C ILE A 240 -25.97 10.46 -8.89
N ILE A 241 -25.01 9.62 -9.24
CA ILE A 241 -25.30 8.24 -9.60
C ILE A 241 -25.80 7.45 -8.39
N GLU A 242 -25.09 7.58 -7.27
CA GLU A 242 -25.47 6.85 -6.06
C GLU A 242 -26.71 7.37 -5.36
N LYS A 243 -26.99 8.66 -5.49
CA LYS A 243 -28.17 9.25 -4.87
C LYS A 243 -29.42 8.90 -5.66
N ASN A 244 -29.25 8.49 -6.91
CA ASN A 244 -30.38 8.14 -7.76
C ASN A 244 -30.40 6.69 -8.22
N LEU A 245 -29.78 5.82 -7.44
CA LEU A 245 -29.74 4.39 -7.75
C LEU A 245 -31.14 3.80 -7.88
N ALA A 246 -32.09 4.33 -7.11
CA ALA A 246 -33.47 3.86 -7.12
C ALA A 246 -34.26 4.33 -8.34
N SER A 247 -33.92 5.50 -8.86
CA SER A 247 -34.63 6.02 -10.03
C SER A 247 -33.64 6.32 -11.15
N PRO A 248 -33.35 5.32 -12.00
CA PRO A 248 -32.42 5.47 -13.13
C PRO A 248 -32.81 6.65 -14.01
N LYS A 249 -34.11 6.84 -14.19
CA LYS A 249 -34.64 7.92 -15.01
C LYS A 249 -34.19 9.27 -14.43
N GLN A 250 -34.46 9.49 -13.14
CA GLN A 250 -34.08 10.74 -12.50
C GLN A 250 -32.55 10.86 -12.42
N MET A 251 -31.86 9.72 -12.48
CA MET A 251 -30.41 9.70 -12.43
C MET A 251 -29.84 10.41 -13.65
N LEU A 252 -30.25 9.95 -14.83
CA LEU A 252 -29.79 10.52 -16.09
C LEU A 252 -30.21 11.98 -16.19
N ALA A 253 -31.45 12.27 -15.82
CA ALA A 253 -31.97 13.64 -15.87
C ALA A 253 -31.08 14.55 -15.02
N GLU A 254 -30.78 14.11 -13.80
CA GLU A 254 -29.95 14.88 -12.89
C GLU A 254 -28.54 15.06 -13.46
N LEU A 255 -28.04 14.02 -14.11
CA LEU A 255 -26.72 14.04 -14.70
C LEU A 255 -26.66 15.01 -15.88
N ARG A 256 -27.63 14.92 -16.79
CA ARG A 256 -27.67 15.81 -17.92
C ARG A 256 -27.68 17.25 -17.41
N SER A 257 -28.58 17.52 -16.46
CA SER A 257 -28.69 18.86 -15.89
C SER A 257 -27.35 19.37 -15.39
N PHE A 258 -26.67 18.55 -14.60
CA PHE A 258 -25.39 18.91 -14.02
C PHE A 258 -24.25 19.10 -15.03
N VAL A 259 -24.14 18.18 -15.98
CA VAL A 259 -23.10 18.27 -16.99
C VAL A 259 -23.26 19.52 -17.84
N SER A 260 -24.50 19.83 -18.24
CA SER A 260 -24.76 21.00 -19.07
C SER A 260 -24.30 22.26 -18.33
N ALA A 261 -24.63 22.32 -17.05
CA ALA A 261 -24.26 23.45 -16.20
C ALA A 261 -22.74 23.57 -16.09
N MET A 262 -22.07 22.44 -15.92
CA MET A 262 -20.63 22.44 -15.81
C MET A 262 -19.97 22.83 -17.13
N LYS A 263 -20.50 22.32 -18.23
CA LYS A 263 -19.97 22.64 -19.55
C LYS A 263 -20.17 24.10 -19.93
N ALA A 264 -21.36 24.61 -19.69
CA ALA A 264 -21.66 26.01 -20.01
C ALA A 264 -20.64 26.91 -19.33
N ALA A 265 -20.28 26.55 -18.10
CA ALA A 265 -19.34 27.32 -17.31
C ALA A 265 -17.95 27.36 -17.95
N SER A 266 -17.71 26.49 -18.93
CA SER A 266 -16.41 26.45 -19.59
C SER A 266 -16.43 27.30 -20.87
N ARG A 267 -17.59 27.86 -21.21
CA ARG A 267 -17.69 28.68 -22.42
C ARG A 267 -17.25 30.12 -22.19
N ALA A 268 -17.73 30.75 -21.22
N THR B 1 15.29 11.40 -9.37
CA THR B 1 15.85 10.07 -8.98
C THR B 1 15.79 9.86 -7.47
N THR B 2 16.71 9.07 -6.94
CA THR B 2 16.76 8.79 -5.51
C THR B 2 18.20 8.57 -5.08
N LEU B 3 18.45 8.68 -3.79
CA LEU B 3 19.79 8.51 -3.23
C LEU B 3 20.12 7.04 -3.07
N LEU B 4 19.10 6.22 -2.85
CA LEU B 4 19.27 4.79 -2.66
C LEU B 4 18.49 3.95 -3.66
N ASN B 5 18.94 2.72 -3.88
CA ASN B 5 18.29 1.82 -4.83
C ASN B 5 16.92 1.45 -4.29
N PRO B 6 15.87 1.84 -5.01
CA PRO B 6 14.51 1.53 -4.57
C PRO B 6 14.11 0.08 -4.82
N TYR B 7 14.96 -0.66 -5.53
CA TYR B 7 14.68 -2.05 -5.86
C TYR B 7 15.60 -3.10 -5.29
N PHE B 8 15.04 -4.30 -5.17
CA PHE B 8 15.75 -5.49 -4.72
C PHE B 8 15.42 -6.38 -5.90
N GLY B 9 16.33 -6.39 -6.88
CA GLY B 9 16.06 -7.15 -8.06
C GLY B 9 14.93 -6.45 -8.79
N GLU B 10 13.90 -7.21 -9.12
CA GLU B 10 12.75 -6.67 -9.83
C GLU B 10 11.67 -6.13 -8.88
N PHE B 11 11.82 -6.42 -7.60
CA PHE B 11 10.83 -6.04 -6.59
C PHE B 11 11.13 -4.74 -5.85
N GLY B 12 10.07 -3.99 -5.54
CA GLY B 12 10.24 -2.73 -4.84
C GLY B 12 9.67 -1.54 -5.58
N GLY B 13 10.41 -0.44 -5.57
CA GLY B 13 9.96 0.75 -6.27
C GLY B 13 9.15 1.72 -5.45
N MET B 14 8.65 2.75 -6.12
CA MET B 14 7.86 3.79 -5.46
C MET B 14 6.60 4.02 -6.26
N TYR B 15 5.74 3.03 -6.24
CA TYR B 15 4.49 3.12 -6.97
C TYR B 15 3.43 3.83 -6.16
N VAL B 16 3.56 5.14 -6.04
CA VAL B 16 2.59 5.95 -5.33
C VAL B 16 2.19 7.11 -6.23
N PRO B 17 1.05 7.74 -5.92
CA PRO B 17 0.59 8.88 -6.73
C PRO B 17 1.67 9.96 -6.70
N GLN B 18 1.81 10.68 -7.80
CA GLN B 18 2.82 11.72 -7.92
C GLN B 18 2.87 12.65 -6.71
N ILE B 19 1.71 12.96 -6.15
CA ILE B 19 1.65 13.87 -5.00
C ILE B 19 2.50 13.48 -3.79
N LEU B 20 2.78 12.19 -3.64
CA LEU B 20 3.55 11.70 -2.50
C LEU B 20 5.05 11.53 -2.72
N MET B 21 5.53 11.71 -3.95
CA MET B 21 6.94 11.55 -4.21
C MET B 21 7.81 12.50 -3.38
N PRO B 22 7.36 13.76 -3.22
CA PRO B 22 8.20 14.67 -2.41
C PRO B 22 8.35 14.17 -0.98
N ALA B 23 7.28 13.63 -0.41
CA ALA B 23 7.31 13.11 0.95
C ALA B 23 8.27 11.93 1.03
N LEU B 24 8.22 11.05 0.03
CA LEU B 24 9.10 9.89 -0.01
C LEU B 24 10.54 10.34 -0.16
N ASN B 25 10.74 11.31 -1.03
CA ASN B 25 12.08 11.84 -1.27
C ASN B 25 12.61 12.52 0.00
N GLN B 26 11.74 13.25 0.69
CA GLN B 26 12.15 13.92 1.93
C GLN B 26 12.55 12.88 2.98
N LEU B 27 11.73 11.83 3.09
CA LEU B 27 11.99 10.76 4.05
C LEU B 27 13.31 10.04 3.77
N GLU B 28 13.57 9.77 2.50
CA GLU B 28 14.80 9.10 2.15
C GLU B 28 15.99 9.97 2.52
N GLU B 29 15.90 11.26 2.19
CA GLU B 29 17.00 12.20 2.47
C GLU B 29 17.26 12.30 3.96
N ALA B 30 16.17 12.38 4.73
CA ALA B 30 16.26 12.47 6.19
C ALA B 30 16.87 11.20 6.77
N PHE B 31 16.52 10.05 6.21
CA PHE B 31 17.05 8.77 6.66
C PHE B 31 18.55 8.64 6.40
N VAL B 32 18.96 8.97 5.18
CA VAL B 32 20.36 8.91 4.79
C VAL B 32 21.20 9.82 5.68
N SER B 33 20.69 11.02 5.91
CA SER B 33 21.36 12.02 6.75
C SER B 33 21.44 11.50 8.19
N ALA B 34 20.32 11.00 8.70
CA ALA B 34 20.27 10.48 10.06
C ALA B 34 21.24 9.31 10.26
N GLN B 35 21.45 8.52 9.22
CA GLN B 35 22.36 7.38 9.31
C GLN B 35 23.84 7.77 9.45
N LYS B 36 24.18 8.99 9.03
CA LYS B 36 25.55 9.50 9.11
C LYS B 36 25.71 10.48 10.25
N ASP B 37 24.64 10.66 11.02
CA ASP B 37 24.62 11.57 12.13
C ASP B 37 24.85 10.87 13.47
N PRO B 38 26.02 11.07 14.08
CA PRO B 38 26.38 10.47 15.36
C PRO B 38 25.34 10.74 16.45
N GLU B 39 24.85 11.98 16.50
CA GLU B 39 23.85 12.38 17.50
C GLU B 39 22.55 11.63 17.33
N PHE B 40 22.17 11.39 16.08
CA PHE B 40 20.95 10.66 15.83
C PHE B 40 21.08 9.22 16.28
N GLN B 41 22.21 8.61 15.94
CA GLN B 41 22.46 7.22 16.31
C GLN B 41 22.51 7.09 17.83
N ALA B 42 23.13 8.06 18.51
CA ALA B 42 23.23 8.03 19.95
C ALA B 42 21.85 8.12 20.59
N GLN B 43 21.02 9.02 20.08
CA GLN B 43 19.67 9.19 20.60
C GLN B 43 18.82 7.95 20.36
N PHE B 44 19.05 7.31 19.22
CA PHE B 44 18.30 6.10 18.87
C PHE B 44 18.70 4.99 19.82
N ALA B 45 20.00 4.81 19.98
CA ALA B 45 20.58 3.80 20.86
C ALA B 45 20.05 3.98 22.29
N ASP B 46 20.07 5.22 22.76
CA ASP B 46 19.63 5.56 24.12
C ASP B 46 18.18 5.12 24.35
N LEU B 47 17.33 5.39 23.37
CA LEU B 47 15.93 5.03 23.48
C LEU B 47 15.75 3.52 23.47
N LEU B 48 16.45 2.86 22.56
CA LEU B 48 16.36 1.41 22.45
C LEU B 48 16.74 0.72 23.76
N LYS B 49 17.87 1.15 24.34
CA LYS B 49 18.39 0.59 25.59
C LYS B 49 17.60 0.96 26.85
N ASN B 50 17.64 2.23 27.22
CA ASN B 50 17.03 2.74 28.44
C ASN B 50 15.54 2.91 28.45
N TYR B 51 14.93 2.92 27.27
CA TYR B 51 13.51 3.06 27.22
C TYR B 51 12.84 1.75 26.81
N ALA B 52 13.37 1.13 25.75
CA ALA B 52 12.80 -0.12 25.25
C ALA B 52 13.30 -1.35 25.97
N GLY B 53 14.51 -1.28 26.52
CA GLY B 53 15.02 -2.43 27.24
C GLY B 53 15.97 -3.35 26.49
N ARG B 54 16.46 -2.93 25.33
CA ARG B 54 17.40 -3.75 24.58
C ARG B 54 18.71 -3.72 25.37
N PRO B 55 19.56 -4.76 25.22
CA PRO B 55 19.37 -5.87 24.29
C PRO B 55 18.35 -6.89 24.83
N THR B 56 17.64 -7.57 23.94
CA THR B 56 16.67 -8.57 24.41
C THR B 56 17.39 -9.90 24.62
N ALA B 57 16.90 -10.73 25.54
CA ALA B 57 17.53 -12.01 25.80
C ALA B 57 17.36 -13.03 24.68
N LEU B 58 18.25 -14.01 24.70
CA LEU B 58 18.26 -15.12 23.76
C LEU B 58 18.08 -16.32 24.68
N THR B 59 16.89 -16.88 24.70
CA THR B 59 16.56 -18.00 25.58
C THR B 59 16.68 -19.38 24.95
N LYS B 60 17.38 -20.27 25.63
CA LYS B 60 17.55 -21.64 25.15
C LYS B 60 16.36 -22.43 25.64
N CYS B 61 15.74 -23.19 24.75
CA CYS B 61 14.60 -24.02 25.09
C CYS B 61 15.08 -25.46 25.30
N GLN B 62 15.30 -25.86 26.55
CA GLN B 62 15.78 -27.22 26.81
C GLN B 62 14.64 -28.24 26.81
N ASN B 63 13.48 -27.83 27.32
CA ASN B 63 12.33 -28.72 27.41
C ASN B 63 11.69 -29.19 26.09
N ILE B 64 11.41 -28.25 25.19
CA ILE B 64 10.75 -28.61 23.93
C ILE B 64 11.57 -29.36 22.90
N THR B 65 12.87 -29.43 23.10
CA THR B 65 13.73 -30.11 22.15
C THR B 65 14.25 -31.42 22.74
N ALA B 66 13.74 -31.78 23.92
CA ALA B 66 14.19 -32.99 24.59
C ALA B 66 14.04 -34.24 23.75
N GLY B 67 15.10 -35.04 23.72
CA GLY B 67 15.09 -36.27 22.95
C GLY B 67 15.33 -36.11 21.46
N THR B 68 15.84 -34.95 21.03
CA THR B 68 16.14 -34.71 19.62
C THR B 68 17.54 -34.16 19.59
N ARG B 69 18.07 -33.90 18.40
CA ARG B 69 19.42 -33.35 18.29
C ARG B 69 19.28 -31.88 17.85
N THR B 70 18.11 -31.28 18.14
CA THR B 70 17.81 -29.89 17.80
C THR B 70 18.05 -28.96 18.98
N THR B 71 18.87 -27.93 18.82
CA THR B 71 19.06 -26.99 19.91
C THR B 71 18.32 -25.75 19.45
N LEU B 72 17.39 -25.30 20.28
CA LEU B 72 16.58 -24.15 19.87
C LEU B 72 16.65 -22.96 20.81
N TYR B 73 16.96 -21.80 20.25
CA TYR B 73 17.04 -20.55 21.00
C TYR B 73 15.91 -19.64 20.53
N LEU B 74 15.42 -18.78 21.43
CA LEU B 74 14.37 -17.85 21.08
C LEU B 74 14.85 -16.41 21.30
N LYS B 75 14.84 -15.59 20.26
CA LYS B 75 15.22 -14.19 20.39
C LYS B 75 13.97 -13.57 21.02
N ARG B 76 14.13 -13.09 22.25
CA ARG B 76 13.01 -12.56 23.04
C ARG B 76 12.50 -11.15 22.74
N GLU B 77 12.06 -10.90 21.51
CA GLU B 77 11.57 -9.56 21.20
C GLU B 77 10.26 -9.35 21.96
N ASP B 78 9.75 -10.44 22.52
CA ASP B 78 8.53 -10.38 23.30
C ASP B 78 8.79 -9.62 24.61
N LEU B 79 10.06 -9.44 24.98
CA LEU B 79 10.38 -8.73 26.22
C LEU B 79 10.60 -7.24 25.98
N LEU B 80 10.58 -6.82 24.72
CA LEU B 80 10.79 -5.41 24.39
C LEU B 80 9.63 -4.58 24.89
N HIS B 81 9.92 -3.35 25.31
CA HIS B 81 8.86 -2.48 25.78
C HIS B 81 7.77 -2.43 24.71
N GLY B 82 6.54 -2.63 25.13
CA GLY B 82 5.44 -2.64 24.18
C GLY B 82 5.00 -4.06 23.90
N GLY B 83 5.93 -5.01 23.95
CA GLY B 83 5.59 -6.41 23.73
C GLY B 83 5.92 -7.04 22.39
N ALA B 84 6.58 -6.29 21.51
CA ALA B 84 6.92 -6.85 20.21
C ALA B 84 8.08 -6.06 19.59
N HIS B 85 8.73 -6.66 18.61
CA HIS B 85 9.86 -6.04 17.90
C HIS B 85 9.47 -4.70 17.27
N LYS B 86 8.19 -4.53 16.99
CA LYS B 86 7.69 -3.31 16.37
C LYS B 86 8.24 -2.03 16.99
N THR B 87 8.41 -2.05 18.30
CA THR B 87 8.90 -0.88 19.00
C THR B 87 10.26 -0.37 18.53
N ASN B 88 11.11 -1.26 18.04
CA ASN B 88 12.43 -0.88 17.59
C ASN B 88 12.46 0.22 16.52
N GLN B 89 11.93 -0.09 15.34
CA GLN B 89 11.95 0.86 14.24
C GLN B 89 11.02 2.04 14.41
N VAL B 90 10.04 1.91 15.31
CA VAL B 90 9.11 3.00 15.57
C VAL B 90 9.85 4.13 16.29
N LEU B 91 10.79 3.75 17.15
CA LEU B 91 11.56 4.75 17.87
C LEU B 91 12.43 5.51 16.84
N GLY B 92 12.93 4.77 15.85
CA GLY B 92 13.75 5.39 14.83
C GLY B 92 12.94 6.27 13.89
N GLN B 93 11.77 5.79 13.47
CA GLN B 93 10.95 6.56 12.59
C GLN B 93 10.37 7.79 13.27
N ALA B 94 10.19 7.70 14.59
CA ALA B 94 9.66 8.85 15.33
C ALA B 94 10.72 9.93 15.35
N LEU B 95 11.98 9.52 15.54
CA LEU B 95 13.08 10.47 15.56
C LEU B 95 13.21 11.13 14.18
N LEU B 96 13.00 10.36 13.12
CA LEU B 96 13.09 10.91 11.77
C LEU B 96 11.95 11.92 11.57
N ALA B 97 10.79 11.63 12.15
CA ALA B 97 9.63 12.50 12.06
C ALA B 97 9.93 13.86 12.68
N LYS B 98 10.55 13.84 13.86
CA LYS B 98 10.92 15.07 14.56
C LYS B 98 11.98 15.79 13.72
N ARG B 99 12.94 15.03 13.22
CA ARG B 99 14.04 15.56 12.40
C ARG B 99 13.49 16.32 11.19
N MET B 100 12.36 15.86 10.69
CA MET B 100 11.71 16.48 9.53
C MET B 100 10.69 17.54 9.94
N GLY B 101 10.63 17.83 11.23
CA GLY B 101 9.71 18.85 11.70
C GLY B 101 8.24 18.48 11.64
N LYS B 102 7.94 17.18 11.54
CA LYS B 102 6.56 16.73 11.51
C LYS B 102 6.09 16.63 12.96
N SER B 103 4.84 17.00 13.21
CA SER B 103 4.29 16.96 14.56
C SER B 103 3.24 15.87 14.75
N GLU B 104 2.85 15.24 13.65
CA GLU B 104 1.83 14.20 13.72
C GLU B 104 2.31 12.86 13.14
N ILE B 105 1.65 11.79 13.56
CA ILE B 105 2.00 10.45 13.11
C ILE B 105 0.78 9.67 12.62
N ILE B 106 0.94 9.01 11.47
CA ILE B 106 -0.12 8.18 10.92
C ILE B 106 0.50 6.79 10.91
N ALA B 107 -0.25 5.81 11.38
CA ALA B 107 0.25 4.46 11.40
C ALA B 107 -0.89 3.49 11.19
N GLU B 108 -0.57 2.34 10.60
CA GLU B 108 -1.56 1.30 10.39
C GLU B 108 -1.17 0.20 11.36
N THR B 109 -2.13 -0.63 11.73
CA THR B 109 -1.81 -1.72 12.64
C THR B 109 -2.80 -2.86 12.49
N GLY B 110 -2.32 -4.09 12.66
CA GLY B 110 -3.17 -5.26 12.56
C GLY B 110 -3.19 -5.95 13.90
N ALA B 111 -2.01 -6.44 14.32
CA ALA B 111 -1.91 -7.11 15.61
C ALA B 111 -2.02 -6.05 16.71
N GLY B 112 -1.92 -4.78 16.31
CA GLY B 112 -2.01 -3.70 17.27
C GLY B 112 -0.68 -3.43 17.95
N GLN B 113 0.29 -4.29 17.71
CA GLN B 113 1.61 -4.10 18.32
C GLN B 113 2.30 -2.88 17.73
N HIS B 114 2.13 -2.65 16.42
CA HIS B 114 2.74 -1.49 15.79
C HIS B 114 1.98 -0.25 16.23
N GLY B 115 0.68 -0.42 16.44
CA GLY B 115 -0.15 0.70 16.88
C GLY B 115 0.27 1.14 18.27
N VAL B 116 0.46 0.16 19.14
CA VAL B 116 0.88 0.43 20.50
C VAL B 116 2.27 1.05 20.49
N ALA B 117 3.17 0.50 19.68
CA ALA B 117 4.52 1.05 19.59
C ALA B 117 4.47 2.50 19.10
N SER B 118 3.67 2.76 18.07
CA SER B 118 3.55 4.12 17.52
C SER B 118 2.99 5.09 18.55
N ALA B 119 2.03 4.62 19.33
CA ALA B 119 1.40 5.45 20.35
C ALA B 119 2.35 5.80 21.49
N LEU B 120 3.09 4.81 21.96
CA LEU B 120 4.03 5.05 23.06
C LEU B 120 5.18 5.94 22.64
N ALA B 121 5.68 5.76 21.42
CA ALA B 121 6.79 6.59 20.94
C ALA B 121 6.29 8.03 20.80
N SER B 122 5.08 8.19 20.28
CA SER B 122 4.51 9.51 20.10
C SER B 122 4.28 10.22 21.42
N ALA B 123 3.87 9.46 22.42
CA ALA B 123 3.60 10.00 23.75
C ALA B 123 4.92 10.47 24.34
N LEU B 124 5.96 9.67 24.15
CA LEU B 124 7.29 9.98 24.67
C LEU B 124 7.97 11.14 23.93
N LEU B 125 7.86 11.16 22.61
CA LEU B 125 8.52 12.19 21.81
C LEU B 125 7.71 13.41 21.41
N GLY B 126 6.49 13.54 21.94
CA GLY B 126 5.67 14.71 21.65
C GLY B 126 5.08 14.82 20.26
N LEU B 127 4.47 13.73 19.80
CA LEU B 127 3.85 13.70 18.49
C LEU B 127 2.38 13.32 18.65
N LYS B 128 1.54 13.82 17.74
CA LYS B 128 0.10 13.54 17.75
C LYS B 128 -0.12 12.33 16.84
N CYS B 129 -0.42 11.20 17.48
CA CYS B 129 -0.59 9.95 16.78
C CYS B 129 -2.01 9.47 16.49
N ARG B 130 -2.26 9.09 15.23
CA ARG B 130 -3.54 8.54 14.84
C ARG B 130 -3.26 7.20 14.15
N ILE B 131 -3.98 6.18 14.58
CA ILE B 131 -3.80 4.82 14.09
C ILE B 131 -5.01 4.23 13.37
N TYR B 132 -4.76 3.63 12.21
CA TYR B 132 -5.81 2.96 11.45
C TYR B 132 -5.70 1.48 11.77
N MET B 133 -6.83 0.85 12.06
CA MET B 133 -6.87 -0.56 12.40
C MET B 133 -8.19 -1.16 11.87
N GLY B 134 -8.08 -2.29 11.17
CA GLY B 134 -9.27 -2.92 10.65
C GLY B 134 -10.16 -3.30 11.82
N ALA B 135 -11.47 -3.16 11.65
CA ALA B 135 -12.46 -3.46 12.68
C ALA B 135 -12.39 -4.89 13.20
N LYS B 136 -12.07 -5.83 12.32
CA LYS B 136 -11.99 -7.22 12.75
C LYS B 136 -10.87 -7.34 13.76
N ASP B 137 -9.77 -6.67 13.47
CA ASP B 137 -8.62 -6.71 14.37
C ASP B 137 -8.88 -5.91 15.64
N VAL B 138 -9.78 -4.94 15.58
CA VAL B 138 -10.09 -4.16 16.78
C VAL B 138 -10.61 -5.15 17.80
N GLU B 139 -11.31 -6.16 17.30
CA GLU B 139 -11.93 -7.20 18.13
C GLU B 139 -10.99 -8.32 18.56
N ARG B 140 -10.30 -8.97 17.61
CA ARG B 140 -9.42 -10.08 17.97
C ARG B 140 -8.08 -9.71 18.61
N GLN B 141 -7.79 -8.42 18.68
CA GLN B 141 -6.54 -7.93 19.27
C GLN B 141 -6.87 -6.73 20.14
N SER B 142 -8.06 -6.76 20.74
CA SER B 142 -8.57 -5.68 21.59
C SER B 142 -7.68 -5.16 22.72
N PRO B 143 -6.94 -6.04 23.40
CA PRO B 143 -6.08 -5.54 24.48
C PRO B 143 -5.20 -4.37 24.03
N ASN B 144 -4.79 -4.41 22.76
CA ASN B 144 -3.94 -3.36 22.22
C ASN B 144 -4.68 -2.08 21.88
N VAL B 145 -5.98 -2.19 21.59
CA VAL B 145 -6.76 -1.01 21.29
C VAL B 145 -6.83 -0.17 22.56
N PHE B 146 -7.05 -0.84 23.68
CA PHE B 146 -7.14 -0.16 24.95
C PHE B 146 -5.81 0.53 25.27
N ARG B 147 -4.71 -0.21 25.09
CA ARG B 147 -3.40 0.34 25.37
C ARG B 147 -3.16 1.61 24.55
N MET B 148 -3.46 1.56 23.25
CA MET B 148 -3.26 2.73 22.40
C MET B 148 -4.04 3.95 22.88
N ARG B 149 -5.32 3.77 23.17
CA ARG B 149 -6.15 4.88 23.64
C ARG B 149 -5.55 5.46 24.94
N LEU B 150 -5.28 4.60 25.91
CA LEU B 150 -4.72 5.01 27.18
C LEU B 150 -3.48 5.89 27.01
N MET B 151 -2.74 5.70 25.93
CA MET B 151 -1.54 6.50 25.70
C MET B 151 -1.79 7.77 24.90
N GLY B 152 -3.07 8.11 24.69
CA GLY B 152 -3.39 9.34 23.98
C GLY B 152 -3.48 9.27 22.46
N ALA B 153 -3.40 8.06 21.90
CA ALA B 153 -3.47 7.90 20.46
C ALA B 153 -4.91 7.73 20.00
N GLU B 154 -5.21 8.23 18.80
CA GLU B 154 -6.54 8.10 18.20
C GLU B 154 -6.55 6.83 17.38
N VAL B 155 -7.43 5.90 17.73
CA VAL B 155 -7.54 4.64 16.99
C VAL B 155 -8.76 4.77 16.11
N ILE B 156 -8.57 4.55 14.81
CA ILE B 156 -9.65 4.66 13.83
C ILE B 156 -9.98 3.32 13.18
N PRO B 157 -11.15 2.74 13.52
CA PRO B 157 -11.57 1.46 12.95
C PRO B 157 -11.84 1.58 11.45
N VAL B 158 -11.33 0.61 10.69
CA VAL B 158 -11.55 0.58 9.25
C VAL B 158 -12.44 -0.60 8.94
N HIS B 159 -13.66 -0.31 8.48
CA HIS B 159 -14.67 -1.32 8.15
C HIS B 159 -14.65 -1.78 6.69
N SER B 160 -13.90 -1.09 5.85
CA SER B 160 -13.82 -1.40 4.43
C SER B 160 -13.13 -2.72 4.14
N GLY B 161 -13.51 -3.35 3.03
CA GLY B 161 -12.91 -4.61 2.63
C GLY B 161 -13.01 -5.74 3.64
N SER B 162 -11.87 -6.35 3.94
CA SER B 162 -11.82 -7.45 4.89
C SER B 162 -11.68 -6.95 6.32
N ALA B 163 -11.69 -5.63 6.48
CA ALA B 163 -11.59 -5.01 7.80
C ALA B 163 -10.39 -5.53 8.58
N THR B 164 -9.27 -5.66 7.90
CA THR B 164 -8.07 -6.14 8.55
C THR B 164 -6.87 -5.29 8.12
N LEU B 165 -5.66 -5.79 8.42
CA LEU B 165 -4.43 -5.08 8.10
C LEU B 165 -4.37 -4.36 6.75
N LYS B 166 -4.62 -5.10 5.67
CA LYS B 166 -4.61 -4.55 4.32
C LYS B 166 -5.41 -3.26 4.21
N ASP B 167 -6.61 -3.30 4.76
CA ASP B 167 -7.51 -2.17 4.71
C ASP B 167 -6.97 -1.03 5.57
N ALA B 168 -6.38 -1.35 6.70
CA ALA B 168 -5.82 -0.31 7.56
C ALA B 168 -4.71 0.38 6.78
N CYS B 169 -3.98 -0.40 5.99
CA CYS B 169 -2.88 0.12 5.19
C CYS B 169 -3.40 1.09 4.15
N ASN B 170 -4.48 0.70 3.47
CA ASN B 170 -5.06 1.56 2.45
C ASN B 170 -5.42 2.93 3.00
N GLU B 171 -6.12 2.95 4.14
CA GLU B 171 -6.53 4.21 4.76
C GLU B 171 -5.36 5.08 5.17
N ALA B 172 -4.34 4.45 5.74
CA ALA B 172 -3.14 5.17 6.18
C ALA B 172 -2.54 5.92 5.00
N LEU B 173 -2.43 5.24 3.85
CA LEU B 173 -1.87 5.86 2.65
C LEU B 173 -2.74 6.98 2.11
N ARG B 174 -4.06 6.78 2.11
CA ARG B 174 -4.97 7.80 1.63
C ARG B 174 -4.82 9.04 2.51
N ASP B 175 -4.76 8.81 3.82
CA ASP B 175 -4.61 9.90 4.79
C ASP B 175 -3.31 10.66 4.56
N TRP B 176 -2.21 9.93 4.44
CA TRP B 176 -0.92 10.56 4.25
C TRP B 176 -0.89 11.40 2.97
N SER B 177 -1.45 10.88 1.88
CA SER B 177 -1.45 11.61 0.63
C SER B 177 -2.06 13.01 0.79
N GLY B 178 -2.88 13.18 1.82
CA GLY B 178 -3.50 14.48 2.04
C GLY B 178 -3.04 15.23 3.29
N SER B 179 -1.99 14.74 3.95
CA SER B 179 -1.50 15.40 5.15
C SER B 179 0.01 15.26 5.37
N TYR B 180 0.73 14.87 4.32
CA TYR B 180 2.17 14.67 4.41
C TYR B 180 2.99 15.89 4.84
N GLU B 181 2.42 17.08 4.75
CA GLU B 181 3.14 18.28 5.17
C GLU B 181 3.30 18.36 6.68
N THR B 182 2.32 17.84 7.41
CA THR B 182 2.37 17.89 8.86
C THR B 182 2.48 16.53 9.53
N ALA B 183 2.10 15.48 8.80
CA ALA B 183 2.14 14.14 9.37
C ALA B 183 3.12 13.22 8.67
N HIS B 184 3.78 12.40 9.47
CA HIS B 184 4.71 11.42 8.97
C HIS B 184 4.01 10.09 9.05
N TYR B 185 4.02 9.33 7.96
CA TYR B 185 3.38 8.02 7.99
C TYR B 185 4.41 7.01 8.48
N MET B 186 4.17 6.51 9.69
CA MET B 186 5.08 5.55 10.27
C MET B 186 4.64 4.15 9.88
N LEU B 187 5.00 3.75 8.67
CA LEU B 187 4.67 2.43 8.16
C LEU B 187 5.27 1.40 9.10
N GLY B 188 4.51 0.36 9.45
CA GLY B 188 4.99 -0.62 10.41
C GLY B 188 5.69 -1.90 9.96
N THR B 189 5.97 -2.03 8.67
CA THR B 189 6.64 -3.23 8.20
C THR B 189 7.55 -2.91 7.02
N ALA B 190 8.43 -3.85 6.70
CA ALA B 190 9.40 -3.71 5.62
C ALA B 190 8.80 -3.85 4.25
N ALA B 191 7.75 -3.06 4.01
CA ALA B 191 7.06 -3.11 2.74
C ALA B 191 6.60 -1.70 2.39
N GLY B 192 5.80 -1.58 1.35
CA GLY B 192 5.35 -0.27 0.92
C GLY B 192 6.38 0.32 -0.03
N PRO B 193 6.23 1.60 -0.41
CA PRO B 193 7.16 2.25 -1.33
C PRO B 193 8.50 2.58 -0.70
N HIS B 194 9.55 2.56 -1.53
CA HIS B 194 10.86 2.92 -1.05
C HIS B 194 10.67 4.35 -0.56
N PRO B 195 11.34 4.72 0.54
CA PRO B 195 12.42 4.01 1.24
C PRO B 195 12.01 3.12 2.44
N TYR B 196 10.71 2.91 2.65
CA TYR B 196 10.28 2.12 3.81
C TYR B 196 10.86 0.72 3.98
N PRO B 197 10.96 -0.09 2.91
CA PRO B 197 11.52 -1.43 3.15
C PRO B 197 12.97 -1.37 3.64
N THR B 198 13.67 -0.34 3.20
CA THR B 198 15.06 -0.14 3.56
C THR B 198 15.17 0.42 4.97
N ILE B 199 14.36 1.43 5.28
CA ILE B 199 14.38 2.05 6.59
C ILE B 199 13.98 1.06 7.66
N VAL B 200 12.90 0.33 7.42
CA VAL B 200 12.43 -0.62 8.41
C VAL B 200 13.42 -1.75 8.69
N ARG B 201 14.15 -2.18 7.66
CA ARG B 201 15.13 -3.24 7.86
C ARG B 201 16.25 -2.70 8.76
N GLU B 202 16.81 -1.57 8.34
CA GLU B 202 17.89 -0.91 9.06
C GLU B 202 17.54 -0.58 10.50
N PHE B 203 16.29 -0.20 10.74
CA PHE B 203 15.89 0.11 12.11
C PHE B 203 15.44 -1.11 12.89
N GLN B 204 15.61 -2.29 12.29
CA GLN B 204 15.25 -3.55 12.95
C GLN B 204 16.41 -4.53 12.93
N ARG B 205 17.47 -4.19 12.21
CA ARG B 205 18.61 -5.10 12.09
C ARG B 205 19.31 -5.45 13.39
N MET B 206 19.04 -4.68 14.46
CA MET B 206 19.67 -4.98 15.73
C MET B 206 19.24 -6.35 16.24
N ILE B 207 18.07 -6.80 15.81
CA ILE B 207 17.61 -8.10 16.23
C ILE B 207 18.62 -9.18 15.83
N GLY B 208 19.01 -9.16 14.57
CA GLY B 208 19.94 -10.15 14.07
C GLY B 208 21.35 -9.93 14.57
N GLU B 209 21.74 -8.66 14.72
CA GLU B 209 23.08 -8.35 15.19
C GLU B 209 23.21 -8.89 16.62
N GLU B 210 22.23 -8.62 17.48
CA GLU B 210 22.30 -9.13 18.84
C GLU B 210 22.21 -10.66 18.81
N THR B 211 21.32 -11.21 17.99
CA THR B 211 21.20 -12.67 17.91
C THR B 211 22.52 -13.33 17.55
N LYS B 212 23.27 -12.74 16.62
CA LYS B 212 24.56 -13.30 16.21
C LYS B 212 25.56 -13.27 17.36
N ALA B 213 25.69 -12.12 18.01
CA ALA B 213 26.60 -11.98 19.13
C ALA B 213 26.21 -12.91 20.26
N GLN B 214 24.92 -13.01 20.53
CA GLN B 214 24.52 -13.88 21.62
C GLN B 214 24.74 -15.35 21.29
N ILE B 215 24.47 -15.77 20.06
CA ILE B 215 24.64 -17.17 19.68
C ILE B 215 26.11 -17.59 19.61
N LEU B 216 26.98 -16.67 19.21
CA LEU B 216 28.41 -16.93 19.13
C LEU B 216 28.95 -17.14 20.55
N ASP B 217 28.58 -16.26 21.46
CA ASP B 217 29.02 -16.33 22.85
C ASP B 217 28.49 -17.56 23.58
N LYS B 218 27.28 -18.00 23.25
CA LYS B 218 26.73 -19.16 23.92
C LYS B 218 27.06 -20.47 23.26
N GLU B 219 27.20 -20.46 21.93
CA GLU B 219 27.51 -21.69 21.19
C GLU B 219 28.84 -21.73 20.45
N GLY B 220 29.53 -20.60 20.33
CA GLY B 220 30.81 -20.60 19.64
C GLY B 220 30.70 -20.73 18.13
N ARG B 221 29.49 -20.62 17.61
CA ARG B 221 29.30 -20.73 16.17
C ARG B 221 27.97 -20.12 15.76
N LEU B 222 27.75 -20.04 14.45
CA LEU B 222 26.52 -19.44 13.94
C LEU B 222 25.38 -20.45 13.90
N PRO B 223 24.14 -19.95 13.75
CA PRO B 223 23.01 -20.87 13.71
C PRO B 223 22.88 -21.62 12.36
N ASP B 224 22.37 -22.85 12.38
CA ASP B 224 22.20 -23.53 11.11
C ASP B 224 21.07 -22.85 10.38
N ALA B 225 20.22 -22.16 11.15
CA ALA B 225 19.11 -21.46 10.53
C ALA B 225 18.34 -20.58 11.49
N VAL B 226 18.03 -19.40 11.02
CA VAL B 226 17.25 -18.47 11.82
C VAL B 226 15.87 -18.47 11.18
N ILE B 227 14.87 -18.55 12.03
CA ILE B 227 13.50 -18.65 11.57
C ILE B 227 12.58 -17.56 12.09
N ALA B 228 11.87 -16.92 11.19
CA ALA B 228 10.97 -15.84 11.57
C ALA B 228 9.70 -15.84 10.75
N CYS B 229 8.60 -15.42 11.37
CA CYS B 229 7.34 -15.36 10.66
C CYS B 229 7.40 -14.15 9.74
N VAL B 230 6.69 -14.23 8.62
CA VAL B 230 6.68 -13.14 7.66
C VAL B 230 5.31 -12.57 7.34
N GLY B 231 5.07 -11.35 7.80
CA GLY B 231 3.83 -10.66 7.50
C GLY B 231 4.19 -9.72 6.37
N GLY B 232 4.61 -8.51 6.74
CA GLY B 232 5.05 -7.53 5.77
C GLY B 232 6.54 -7.81 5.61
N GLY B 233 7.12 -8.41 6.65
CA GLY B 233 8.52 -8.79 6.63
C GLY B 233 9.51 -8.07 7.54
N SER B 234 9.04 -7.24 8.47
CA SER B 234 9.99 -6.52 9.31
C SER B 234 10.77 -7.32 10.36
N ASN B 235 10.14 -8.18 11.14
CA ASN B 235 10.87 -8.92 12.16
C ASN B 235 11.80 -9.96 11.53
N ALA B 236 11.39 -10.48 10.38
CA ALA B 236 12.16 -11.47 9.66
C ALA B 236 13.41 -10.86 9.01
N ILE B 237 13.26 -9.72 8.36
CA ILE B 237 14.39 -9.10 7.70
C ILE B 237 15.29 -8.51 8.79
N GLY B 238 14.65 -8.14 9.91
CA GLY B 238 15.38 -7.59 11.02
C GLY B 238 16.31 -8.64 11.60
N MET B 239 15.84 -9.88 11.57
CA MET B 239 16.58 -11.03 12.07
C MET B 239 17.60 -11.53 11.02
N PHE B 240 17.20 -11.50 9.75
CA PHE B 240 18.02 -11.95 8.61
C PHE B 240 19.18 -11.09 8.20
N ALA B 241 18.90 -9.80 8.11
CA ALA B 241 19.85 -8.81 7.65
C ALA B 241 21.32 -9.11 7.92
N ASP B 242 21.70 -9.19 9.18
CA ASP B 242 23.09 -9.41 9.56
C ASP B 242 23.62 -10.81 9.24
N PHE B 243 22.75 -11.73 8.84
CA PHE B 243 23.21 -13.09 8.52
C PHE B 243 23.29 -13.33 7.00
N ILE B 244 22.69 -12.43 6.22
CA ILE B 244 22.69 -12.56 4.76
C ILE B 244 24.04 -12.94 4.12
N ASN B 245 25.14 -12.31 4.54
CA ASN B 245 26.47 -12.60 3.98
C ASN B 245 27.14 -13.83 4.60
N ASP B 246 26.48 -14.43 5.58
CA ASP B 246 26.99 -15.64 6.20
C ASP B 246 26.25 -16.74 5.47
N THR B 247 26.81 -17.16 4.34
CA THR B 247 26.21 -18.16 3.48
C THR B 247 25.83 -19.49 4.11
N SER B 248 26.46 -19.87 5.22
CA SER B 248 26.13 -21.14 5.85
C SER B 248 24.83 -21.06 6.65
N VAL B 249 24.38 -19.85 6.93
CA VAL B 249 23.18 -19.67 7.76
C VAL B 249 21.86 -19.64 7.01
N GLY B 250 21.06 -20.67 7.26
CA GLY B 250 19.76 -20.76 6.62
C GLY B 250 18.80 -19.67 7.05
N LEU B 251 18.16 -19.05 6.07
CA LEU B 251 17.19 -17.99 6.37
C LEU B 251 15.82 -18.54 6.01
N ILE B 252 15.00 -18.74 7.02
CA ILE B 252 13.68 -19.29 6.80
C ILE B 252 12.55 -18.37 7.24
N GLY B 253 11.76 -17.97 6.25
CA GLY B 253 10.64 -17.11 6.52
C GLY B 253 9.40 -17.96 6.53
N VAL B 254 8.53 -17.71 7.50
CA VAL B 254 7.33 -18.50 7.62
C VAL B 254 6.11 -17.64 7.39
N GLU B 255 5.46 -17.89 6.26
CA GLU B 255 4.26 -17.17 5.91
C GLU B 255 3.07 -17.90 6.53
N PRO B 256 2.01 -17.15 6.85
CA PRO B 256 0.84 -17.81 7.44
C PRO B 256 0.18 -18.68 6.39
N GLY B 257 -0.17 -19.91 6.76
CA GLY B 257 -0.82 -20.81 5.84
C GLY B 257 -2.32 -20.78 6.04
N GLY B 258 -2.76 -19.98 7.02
CA GLY B 258 -4.18 -19.88 7.31
C GLY B 258 -4.83 -21.23 7.53
N HIS B 259 -5.92 -21.46 6.82
CA HIS B 259 -6.68 -22.71 6.91
C HIS B 259 -6.06 -23.74 5.97
N GLY B 260 -4.93 -23.36 5.37
CA GLY B 260 -4.25 -24.25 4.44
C GLY B 260 -4.14 -23.55 3.11
N ILE B 261 -3.02 -23.74 2.43
CA ILE B 261 -2.82 -23.10 1.15
C ILE B 261 -3.87 -23.49 0.12
N GLU B 262 -4.26 -24.77 0.11
CA GLU B 262 -5.24 -25.25 -0.86
C GLU B 262 -6.62 -24.62 -0.73
N THR B 263 -6.88 -23.98 0.40
CA THR B 263 -8.17 -23.35 0.66
C THR B 263 -8.21 -21.92 0.12
N GLY B 264 -7.03 -21.38 -0.18
CA GLY B 264 -6.93 -20.02 -0.68
C GLY B 264 -7.03 -19.02 0.46
N GLU B 265 -7.29 -19.53 1.66
CA GLU B 265 -7.43 -18.66 2.82
C GLU B 265 -6.11 -18.69 3.58
N HIS B 266 -5.20 -17.84 3.12
CA HIS B 266 -3.87 -17.75 3.70
C HIS B 266 -3.28 -16.37 3.48
N GLY B 267 -2.02 -16.21 3.90
CA GLY B 267 -1.33 -14.95 3.71
C GLY B 267 0.07 -15.25 3.21
N ALA B 268 0.15 -16.17 2.24
CA ALA B 268 1.41 -16.61 1.67
C ALA B 268 1.62 -16.26 0.19
N PRO B 269 1.63 -14.94 -0.14
CA PRO B 269 1.82 -14.49 -1.53
C PRO B 269 3.20 -14.81 -2.08
N LEU B 270 4.19 -14.81 -1.19
CA LEU B 270 5.56 -15.08 -1.58
C LEU B 270 5.73 -16.42 -2.29
N LYS B 271 5.12 -17.47 -1.74
CA LYS B 271 5.24 -18.80 -2.33
C LYS B 271 3.97 -19.25 -3.04
N HIS B 272 2.89 -18.47 -2.95
CA HIS B 272 1.64 -18.86 -3.58
C HIS B 272 0.91 -17.70 -4.21
N GLY B 273 1.65 -16.62 -4.44
CA GLY B 273 1.09 -15.44 -5.07
C GLY B 273 1.70 -15.23 -6.43
N ARG B 274 1.56 -14.01 -6.95
CA ARG B 274 2.07 -13.64 -8.26
C ARG B 274 2.51 -12.18 -8.16
N VAL B 275 3.63 -11.84 -8.78
CA VAL B 275 4.12 -10.46 -8.69
C VAL B 275 3.11 -9.46 -9.22
N GLY B 276 2.94 -8.37 -8.47
CA GLY B 276 2.01 -7.33 -8.87
C GLY B 276 2.45 -5.97 -8.33
N ILE B 277 1.58 -4.98 -8.48
CA ILE B 277 1.89 -3.64 -8.01
C ILE B 277 0.75 -3.18 -7.12
N TYR B 278 1.06 -2.88 -5.86
CA TYR B 278 0.07 -2.44 -4.90
C TYR B 278 0.78 -1.95 -3.63
N PHE B 279 0.15 -1.03 -2.91
CA PHE B 279 0.72 -0.46 -1.69
C PHE B 279 2.10 0.14 -1.92
N GLY B 280 2.25 0.76 -3.10
CA GLY B 280 3.48 1.42 -3.48
C GLY B 280 4.68 0.58 -3.86
N MET B 281 4.48 -0.71 -4.09
CA MET B 281 5.61 -1.57 -4.41
C MET B 281 5.24 -2.65 -5.42
N LYS B 282 6.25 -3.14 -6.14
CA LYS B 282 6.04 -4.24 -7.06
C LYS B 282 6.53 -5.43 -6.24
N ALA B 283 5.60 -6.30 -5.85
CA ALA B 283 5.97 -7.45 -5.03
C ALA B 283 4.97 -8.58 -5.20
N PRO B 284 5.27 -9.77 -4.66
CA PRO B 284 4.33 -10.87 -4.81
C PRO B 284 3.01 -10.48 -4.16
N MET B 285 1.93 -10.78 -4.84
CA MET B 285 0.62 -10.44 -4.37
C MET B 285 -0.29 -11.64 -4.49
N MET B 286 -1.24 -11.73 -3.58
CA MET B 286 -2.24 -12.75 -3.68
C MET B 286 -3.18 -11.90 -4.53
N GLN B 287 -3.46 -12.37 -5.74
CA GLN B 287 -4.35 -11.64 -6.63
C GLN B 287 -5.08 -12.57 -7.57
N THR B 288 -6.22 -12.10 -8.05
CA THR B 288 -7.05 -12.85 -8.98
C THR B 288 -6.38 -12.91 -10.35
N ALA B 289 -6.95 -13.70 -11.25
CA ALA B 289 -6.41 -13.81 -12.59
C ALA B 289 -6.56 -12.44 -13.27
N ASP B 290 -7.58 -11.70 -12.87
CA ASP B 290 -7.86 -10.37 -13.44
C ASP B 290 -6.91 -9.28 -12.97
N GLY B 291 -6.18 -9.53 -11.88
CA GLY B 291 -5.25 -8.53 -11.39
C GLY B 291 -5.78 -7.78 -10.18
N GLN B 292 -6.88 -8.27 -9.62
CA GLN B 292 -7.47 -7.68 -8.44
C GLN B 292 -6.70 -8.25 -7.24
N ILE B 293 -6.41 -7.42 -6.25
CA ILE B 293 -5.70 -7.86 -5.04
C ILE B 293 -6.71 -8.63 -4.18
N GLU B 294 -6.40 -9.89 -3.88
CA GLU B 294 -7.31 -10.70 -3.07
C GLU B 294 -7.18 -10.34 -1.58
N GLU B 295 -8.11 -10.87 -0.80
CA GLU B 295 -8.09 -10.64 0.63
C GLU B 295 -7.36 -11.85 1.22
N SER B 296 -6.48 -11.59 2.17
CA SER B 296 -5.71 -12.65 2.81
C SER B 296 -6.41 -13.12 4.07
N TYR B 297 -5.83 -14.15 4.70
CA TYR B 297 -6.37 -14.66 5.93
C TYR B 297 -5.33 -15.36 6.78
N SER B 298 -5.48 -15.20 8.09
CA SER B 298 -4.59 -15.83 9.04
C SER B 298 -5.17 -15.63 10.43
N ILE B 299 -5.08 -16.64 11.27
CA ILE B 299 -5.58 -16.53 12.63
C ILE B 299 -4.87 -15.37 13.36
N SER B 300 -3.67 -15.02 12.91
CA SER B 300 -2.90 -13.95 13.52
C SER B 300 -3.00 -12.68 12.67
N ALA B 301 -3.58 -11.64 13.27
CA ALA B 301 -3.78 -10.35 12.61
C ALA B 301 -2.49 -9.79 12.03
N GLY B 302 -1.37 -10.01 12.71
CA GLY B 302 -0.11 -9.48 12.26
C GLY B 302 0.41 -10.03 10.95
N LEU B 303 -0.03 -11.22 10.57
CA LEU B 303 0.42 -11.85 9.34
C LEU B 303 -0.63 -11.81 8.25
N ASP B 304 -1.81 -11.30 8.62
CA ASP B 304 -2.91 -11.24 7.70
C ASP B 304 -2.81 -10.10 6.68
N PHE B 305 -1.96 -10.31 5.67
CA PHE B 305 -1.72 -9.31 4.63
C PHE B 305 -1.47 -10.06 3.32
N PRO B 306 -2.09 -9.62 2.20
CA PRO B 306 -1.92 -10.28 0.90
C PRO B 306 -0.63 -10.03 0.10
N SER B 307 0.34 -9.39 0.72
CA SER B 307 1.58 -9.16 0.03
C SER B 307 2.73 -9.40 0.97
N VAL B 308 3.91 -8.99 0.55
CA VAL B 308 5.09 -9.19 1.36
C VAL B 308 6.14 -8.18 0.92
N GLY B 309 7.07 -7.90 1.82
CA GLY B 309 8.13 -6.94 1.53
C GLY B 309 8.90 -7.34 0.30
N PRO B 310 9.38 -6.38 -0.50
CA PRO B 310 10.14 -6.72 -1.70
C PRO B 310 11.47 -7.44 -1.49
N GLN B 311 12.18 -7.16 -0.39
CA GLN B 311 13.45 -7.83 -0.16
C GLN B 311 13.29 -9.32 0.05
N HIS B 312 12.17 -9.72 0.66
CA HIS B 312 11.91 -11.13 0.90
C HIS B 312 11.63 -11.79 -0.45
N ALA B 313 10.91 -11.08 -1.32
CA ALA B 313 10.61 -11.61 -2.65
C ALA B 313 11.94 -11.83 -3.40
N TYR B 314 12.87 -10.90 -3.22
CA TYR B 314 14.18 -10.97 -3.86
C TYR B 314 15.02 -12.11 -3.30
N LEU B 315 15.18 -12.14 -1.98
CA LEU B 315 15.98 -13.18 -1.35
C LEU B 315 15.45 -14.56 -1.73
N ASN B 316 14.14 -14.68 -1.88
CA ASN B 316 13.59 -15.97 -2.26
C ASN B 316 13.93 -16.29 -3.72
N SER B 317 13.87 -15.26 -4.57
CA SER B 317 14.15 -15.41 -5.98
C SER B 317 15.55 -15.95 -6.27
N ILE B 318 16.55 -15.42 -5.58
CA ILE B 318 17.93 -15.85 -5.79
C ILE B 318 18.28 -17.08 -4.95
N GLY B 319 17.32 -17.52 -4.14
CA GLY B 319 17.52 -18.68 -3.30
C GLY B 319 18.32 -18.51 -2.03
N ARG B 320 18.53 -17.27 -1.59
CA ARG B 320 19.30 -17.01 -0.39
C ARG B 320 18.46 -17.38 0.83
N ALA B 321 17.17 -17.10 0.74
CA ALA B 321 16.24 -17.38 1.81
C ALA B 321 15.12 -18.29 1.33
N ASP B 322 14.72 -19.22 2.19
CA ASP B 322 13.65 -20.14 1.85
C ASP B 322 12.41 -19.75 2.64
N TYR B 323 11.27 -19.84 1.98
CA TYR B 323 10.03 -19.50 2.64
C TYR B 323 9.08 -20.68 2.64
N VAL B 324 8.41 -20.84 3.75
CA VAL B 324 7.48 -21.94 3.96
C VAL B 324 6.23 -21.36 4.59
N SER B 325 5.26 -22.22 4.84
CA SER B 325 4.06 -21.75 5.48
C SER B 325 3.71 -22.68 6.62
N ILE B 326 2.95 -22.13 7.55
CA ILE B 326 2.49 -22.81 8.74
C ILE B 326 1.04 -22.45 8.90
N THR B 327 0.21 -23.47 9.03
CA THR B 327 -1.22 -23.27 9.19
C THR B 327 -1.59 -22.75 10.56
N ASP B 328 -2.85 -22.36 10.70
CA ASP B 328 -3.38 -21.88 11.96
C ASP B 328 -3.14 -22.90 13.07
N ASP B 329 -3.56 -24.13 12.81
CA ASP B 329 -3.43 -25.21 13.77
C ASP B 329 -2.00 -25.47 14.18
N GLU B 330 -1.09 -25.43 13.22
CA GLU B 330 0.31 -25.65 13.53
C GLU B 330 0.79 -24.51 14.43
N ALA B 331 0.35 -23.29 14.16
CA ALA B 331 0.75 -22.15 14.99
C ALA B 331 0.19 -22.27 16.40
N LEU B 332 -1.04 -22.77 16.50
CA LEU B 332 -1.70 -22.93 17.79
C LEU B 332 -1.03 -23.99 18.66
N GLU B 333 -0.63 -25.11 18.04
CA GLU B 333 0.02 -26.17 18.77
C GLU B 333 1.37 -25.65 19.28
N ALA B 334 2.02 -24.81 18.49
CA ALA B 334 3.30 -24.24 18.92
C ALA B 334 3.08 -23.27 20.08
N PHE B 335 2.01 -22.50 19.99
CA PHE B 335 1.65 -21.52 21.01
C PHE B 335 1.46 -22.23 22.36
N LYS B 336 0.68 -23.30 22.35
CA LYS B 336 0.43 -24.06 23.57
C LYS B 336 1.68 -24.75 24.07
N THR B 337 2.47 -25.29 23.15
CA THR B 337 3.69 -26.00 23.53
C THR B 337 4.65 -25.07 24.28
N LEU B 338 4.82 -23.86 23.77
CA LEU B 338 5.72 -22.91 24.41
C LEU B 338 5.18 -22.49 25.77
N CYS B 339 3.88 -22.23 25.85
CA CYS B 339 3.27 -21.83 27.11
C CYS B 339 3.50 -22.86 28.21
N ARG B 340 3.17 -24.11 27.91
CA ARG B 340 3.27 -25.18 28.89
C ARG B 340 4.64 -25.76 29.16
N HIS B 341 5.56 -25.67 28.20
CA HIS B 341 6.87 -26.27 28.43
C HIS B 341 8.06 -25.34 28.61
N GLU B 342 7.89 -24.06 28.30
CA GLU B 342 8.95 -23.08 28.45
C GLU B 342 8.47 -21.89 29.28
N GLY B 343 7.17 -21.85 29.58
CA GLY B 343 6.65 -20.75 30.37
C GLY B 343 6.69 -19.39 29.70
N ILE B 344 6.59 -19.37 28.37
CA ILE B 344 6.59 -18.12 27.61
C ILE B 344 5.33 -18.14 26.76
N ILE B 345 4.58 -17.05 26.79
CA ILE B 345 3.36 -16.95 25.99
C ILE B 345 3.73 -16.09 24.79
N PRO B 346 3.90 -16.73 23.62
CA PRO B 346 4.26 -16.08 22.37
C PRO B 346 3.09 -15.53 21.58
N ALA B 347 3.36 -14.50 20.78
CA ALA B 347 2.34 -13.93 19.94
C ALA B 347 2.03 -15.01 18.90
N LEU B 348 0.80 -15.02 18.43
CA LEU B 348 0.42 -15.99 17.42
C LEU B 348 1.23 -15.81 16.16
N GLU B 349 1.70 -14.60 15.89
CA GLU B 349 2.53 -14.37 14.70
C GLU B 349 3.82 -15.15 14.90
N SER B 350 4.47 -14.91 16.03
CA SER B 350 5.73 -15.59 16.38
C SER B 350 5.55 -17.10 16.41
N SER B 351 4.37 -17.55 16.85
CA SER B 351 4.10 -18.98 16.92
C SER B 351 4.25 -19.71 15.60
N HIS B 352 4.06 -19.01 14.49
CA HIS B 352 4.20 -19.62 13.17
C HIS B 352 5.67 -19.99 12.97
N ALA B 353 6.55 -19.10 13.40
CA ALA B 353 7.98 -19.35 13.27
C ALA B 353 8.32 -20.56 14.14
N LEU B 354 7.93 -20.51 15.41
CA LEU B 354 8.20 -21.60 16.32
C LEU B 354 7.63 -22.92 15.78
N ALA B 355 6.45 -22.86 15.17
CA ALA B 355 5.84 -24.07 14.63
C ALA B 355 6.74 -24.73 13.57
N HIS B 356 7.31 -23.94 12.68
CA HIS B 356 8.16 -24.52 11.66
C HIS B 356 9.39 -25.15 12.28
N ALA B 357 9.98 -24.46 13.24
CA ALA B 357 11.17 -24.96 13.93
C ALA B 357 10.84 -26.31 14.54
N LEU B 358 9.70 -26.41 15.21
CA LEU B 358 9.29 -27.66 15.84
C LEU B 358 9.10 -28.76 14.82
N LYS B 359 8.68 -28.39 13.62
CA LYS B 359 8.49 -29.34 12.54
C LYS B 359 9.85 -29.85 12.07
N MET B 360 10.78 -28.92 11.88
CA MET B 360 12.12 -29.25 11.45
C MET B 360 12.79 -30.26 12.38
N MET B 361 12.51 -30.14 13.68
CA MET B 361 13.07 -31.01 14.72
C MET B 361 12.32 -32.35 14.71
N ARG B 362 11.00 -32.29 14.78
CA ARG B 362 10.20 -33.50 14.81
C ARG B 362 10.36 -34.39 13.58
N GLU B 363 10.44 -33.79 12.40
CA GLU B 363 10.56 -34.56 11.17
C GLU B 363 11.88 -35.30 11.05
N GLN B 364 12.95 -34.76 11.65
CA GLN B 364 14.27 -35.37 11.59
C GLN B 364 14.89 -35.13 12.96
N PRO B 365 14.40 -35.86 13.96
CA PRO B 365 14.83 -35.77 15.36
C PRO B 365 16.28 -36.13 15.64
N GLU B 366 16.93 -36.83 14.71
CA GLU B 366 18.33 -37.20 14.92
C GLU B 366 19.23 -36.29 14.10
N LYS B 367 18.65 -35.31 13.42
CA LYS B 367 19.47 -34.37 12.67
C LYS B 367 19.99 -33.35 13.66
N GLU B 368 21.31 -33.18 13.73
CA GLU B 368 21.87 -32.20 14.64
C GLU B 368 21.69 -30.84 13.98
N GLN B 369 21.07 -29.90 14.70
CA GLN B 369 20.86 -28.56 14.15
C GLN B 369 20.60 -27.50 15.21
N LEU B 370 21.29 -26.37 15.04
CA LEU B 370 21.17 -25.21 15.94
C LEU B 370 20.22 -24.22 15.31
N LEU B 371 19.10 -23.98 15.97
CA LEU B 371 18.12 -23.08 15.38
C LEU B 371 17.78 -21.92 16.28
N VAL B 372 17.44 -20.80 15.65
CA VAL B 372 17.03 -19.63 16.38
C VAL B 372 15.70 -19.18 15.80
N VAL B 373 14.72 -19.04 16.68
CA VAL B 373 13.41 -18.56 16.28
C VAL B 373 13.25 -17.17 16.85
N ASN B 374 12.90 -16.21 15.98
CA ASN B 374 12.69 -14.84 16.40
C ASN B 374 11.32 -14.81 17.06
N LEU B 375 11.28 -14.66 18.38
CA LEU B 375 9.99 -14.63 19.07
C LEU B 375 9.60 -13.15 19.04
N SER B 376 9.13 -12.71 17.88
CA SER B 376 8.76 -11.33 17.62
C SER B 376 7.91 -10.62 18.67
N GLY B 377 7.07 -11.36 19.38
CA GLY B 377 6.24 -10.72 20.39
C GLY B 377 5.61 -11.66 21.40
N ARG B 378 5.10 -11.10 22.50
CA ARG B 378 4.46 -11.92 23.51
C ARG B 378 2.99 -12.05 23.10
N GLY B 379 2.32 -13.08 23.62
CA GLY B 379 0.95 -13.29 23.22
C GLY B 379 -0.15 -12.79 24.12
N ASP B 380 0.12 -11.83 25.00
CA ASP B 380 -0.92 -11.31 25.87
C ASP B 380 -2.11 -10.86 25.06
N LYS B 381 -1.84 -10.26 23.90
CA LYS B 381 -2.87 -9.74 23.01
C LYS B 381 -3.68 -10.87 22.37
N ASP B 382 -3.18 -12.10 22.41
CA ASP B 382 -3.85 -13.23 21.79
C ASP B 382 -4.55 -14.18 22.77
N ILE B 383 -4.49 -13.88 24.06
CA ILE B 383 -5.08 -14.76 25.07
C ILE B 383 -6.57 -15.08 24.91
N PHE B 384 -7.38 -14.06 24.71
CA PHE B 384 -8.81 -14.24 24.56
C PHE B 384 -9.14 -14.97 23.27
N THR B 385 -8.42 -14.63 22.20
CA THR B 385 -8.63 -15.29 20.91
C THR B 385 -8.34 -16.78 21.05
N VAL B 386 -7.17 -17.11 21.58
CA VAL B 386 -6.77 -18.50 21.77
C VAL B 386 -7.70 -19.25 22.72
N HIS B 387 -8.14 -18.59 23.79
CA HIS B 387 -9.04 -19.21 24.75
C HIS B 387 -10.35 -19.64 24.10
N ASP B 388 -10.98 -18.73 23.36
CA ASP B 388 -12.24 -19.05 22.70
C ASP B 388 -12.13 -20.22 21.73
N ILE B 389 -10.99 -20.33 21.05
CA ILE B 389 -10.80 -21.43 20.11
C ILE B 389 -10.61 -22.74 20.85
N LEU B 390 -9.78 -22.72 21.88
CA LEU B 390 -9.52 -23.92 22.67
C LEU B 390 -10.72 -24.35 23.48
N LYS B 391 -11.66 -23.42 23.69
CA LYS B 391 -12.86 -23.72 24.44
C LYS B 391 -13.82 -24.50 23.53
N ALA B 392 -13.98 -24.03 22.30
CA ALA B 392 -14.85 -24.67 21.34
C ALA B 392 -14.32 -26.05 20.93
N ARG B 393 -13.18 -26.42 21.50
CA ARG B 393 -12.55 -27.72 21.21
C ARG B 393 -12.42 -28.56 22.48
N GLY B 394 -12.49 -27.91 23.62
CA GLY B 394 -12.36 -28.59 24.89
C GLY B 394 -11.01 -28.31 25.52
N GLU B 395 -10.96 -28.05 26.75
#